data_8GJ5
#
_entry.id   8GJ5
#
_cell.length_a   83.929
_cell.length_b   96.976
_cell.length_c   108.054
_cell.angle_alpha   90.00
_cell.angle_beta   90.00
_cell.angle_gamma   90.00
#
_symmetry.space_group_name_H-M   'P 21 21 21'
#
loop_
_entity.id
_entity.type
_entity.pdbx_description
1 polymer 'Proliferating cell nuclear antigen'
2 polymer THR-ASP-ILE-ARG-ASN-PHE-PHE-HIS-SER
3 water water
#
loop_
_entity_poly.entity_id
_entity_poly.type
_entity_poly.pdbx_seq_one_letter_code
_entity_poly.pdbx_strand_id
1 'polypeptide(L)'
;MLEARLEQASLLKRVVDAIKDLVQDCNFDCNDSGIALQAMDNSHVALVSMLLKAEGFSPYRCDRNIALGINLVSLTKVLR
AAQNEDILTLKADDSPDAVNLMFESAETDRISEYDIKLMDIDQEHLAIPETEYAATVEMPSAEFQRICRDLNALSESVVI
EATKEGVKFSCQGDIGSGSVTIRQHTSVDKPEQNVSIALSEPVALTFSLKYLVNFCKATSLSSKVTLCLSQEVPLLVEYG
LGSGHLRFYLAPKIGDE
;
A,B,C
2 'polypeptide(L)' KRRMPTDIRNFFHSKR D,E,F
#
# COMPACT_ATOMS: atom_id res chain seq x y z
N MET A 1 -5.30 -29.50 -31.86
CA MET A 1 -4.35 -29.24 -30.78
C MET A 1 -3.89 -27.80 -30.80
N LEU A 2 -3.83 -27.17 -29.64
CA LEU A 2 -3.30 -25.81 -29.54
C LEU A 2 -2.21 -25.78 -28.48
N GLU A 3 -1.08 -25.19 -28.88
CA GLU A 3 0.01 -24.86 -27.98
C GLU A 3 0.50 -23.46 -28.36
N ALA A 4 0.51 -22.56 -27.38
CA ALA A 4 0.98 -21.19 -27.58
C ALA A 4 1.87 -20.86 -26.39
N ARG A 5 3.12 -20.54 -26.66
CA ARG A 5 4.13 -20.40 -25.63
C ARG A 5 4.60 -18.94 -25.64
N LEU A 6 4.50 -18.28 -24.49
CA LEU A 6 4.96 -16.92 -24.31
C LEU A 6 6.28 -16.90 -23.53
N GLU A 7 7.25 -16.15 -24.05
CA GLU A 7 8.58 -16.10 -23.44
C GLU A 7 8.57 -15.37 -22.09
N GLN A 8 7.69 -14.38 -21.93
CA GLN A 8 7.50 -13.71 -20.65
C GLN A 8 6.01 -13.67 -20.36
N ALA A 9 5.60 -14.28 -19.25
CA ALA A 9 4.18 -14.41 -18.93
C ALA A 9 3.52 -13.08 -18.59
N SER A 10 4.33 -12.07 -18.23
CA SER A 10 3.79 -10.77 -17.86
C SER A 10 2.74 -10.26 -18.84
N LEU A 11 3.00 -10.44 -20.15
CA LEU A 11 2.10 -9.93 -21.18
C LEU A 11 0.66 -10.38 -20.93
N LEU A 12 0.45 -11.69 -20.82
CA LEU A 12 -0.91 -12.21 -20.60
C LEU A 12 -1.47 -11.72 -19.28
N LYS A 13 -0.64 -11.66 -18.24
CA LYS A 13 -1.09 -11.15 -16.94
C LYS A 13 -1.67 -9.75 -17.08
N ARG A 14 -0.92 -8.86 -17.71
CA ARG A 14 -1.34 -7.47 -17.84
C ARG A 14 -2.55 -7.35 -18.76
N VAL A 15 -2.62 -8.18 -19.80
CA VAL A 15 -3.79 -8.12 -20.68
C VAL A 15 -5.05 -8.50 -19.92
N VAL A 16 -4.99 -9.59 -19.16
CA VAL A 16 -6.17 -10.02 -18.41
C VAL A 16 -6.50 -9.00 -17.32
N ASP A 17 -5.48 -8.36 -16.73
CA ASP A 17 -5.76 -7.33 -15.74
C ASP A 17 -6.35 -6.09 -16.40
N ALA A 18 -6.05 -5.88 -17.69
CA ALA A 18 -6.59 -4.77 -18.45
C ALA A 18 -7.99 -5.06 -18.98
N ILE A 19 -8.48 -6.30 -18.85
CA ILE A 19 -9.76 -6.64 -19.46
C ILE A 19 -10.80 -7.00 -18.40
N LYS A 20 -10.35 -7.62 -17.30
CA LYS A 20 -11.29 -8.26 -16.38
C LYS A 20 -12.29 -7.29 -15.75
N ASP A 21 -11.84 -6.09 -15.35
CA ASP A 21 -12.76 -5.17 -14.69
C ASP A 21 -13.76 -4.56 -15.65
N LEU A 22 -13.56 -4.70 -16.96
CA LEU A 22 -14.50 -4.23 -17.96
C LEU A 22 -15.45 -5.34 -18.40
N VAL A 23 -14.90 -6.53 -18.66
CA VAL A 23 -15.67 -7.67 -19.11
C VAL A 23 -15.22 -8.87 -18.29
N GLN A 24 -16.17 -9.67 -17.79
CA GLN A 24 -15.76 -10.78 -16.93
C GLN A 24 -15.55 -12.06 -17.73
N ASP A 25 -16.56 -12.53 -18.44
CA ASP A 25 -16.47 -13.81 -19.15
C ASP A 25 -16.18 -13.53 -20.61
N CYS A 26 -15.17 -14.19 -21.17
CA CYS A 26 -14.77 -13.87 -22.53
C CYS A 26 -14.36 -15.13 -23.30
N ASN A 27 -14.53 -15.05 -24.61
CA ASN A 27 -14.07 -16.08 -25.53
C ASN A 27 -12.73 -15.67 -26.13
N PHE A 28 -11.75 -16.56 -26.04
CA PHE A 28 -10.50 -16.42 -26.78
C PHE A 28 -10.64 -17.26 -28.05
N ASP A 29 -10.77 -16.58 -29.19
CA ASP A 29 -10.87 -17.24 -30.49
C ASP A 29 -9.46 -17.46 -31.01
N CYS A 30 -9.05 -18.73 -31.10
CA CYS A 30 -7.70 -19.10 -31.48
C CYS A 30 -7.72 -19.63 -32.90
N ASN A 31 -6.86 -19.08 -33.74
CA ASN A 31 -6.71 -19.54 -35.11
C ASN A 31 -5.25 -19.36 -35.54
N ASP A 32 -5.01 -19.50 -36.84
CA ASP A 32 -3.63 -19.53 -37.36
C ASP A 32 -2.89 -18.22 -37.10
N SER A 33 -3.59 -17.09 -37.07
CA SER A 33 -2.95 -15.82 -36.78
C SER A 33 -2.64 -15.64 -35.30
N GLY A 34 -3.33 -16.36 -34.42
CA GLY A 34 -3.10 -16.20 -33.00
C GLY A 34 -4.35 -16.19 -32.15
N ILE A 35 -4.33 -15.41 -31.08
CA ILE A 35 -5.41 -15.40 -30.09
C ILE A 35 -6.15 -14.07 -30.21
N ALA A 36 -7.43 -14.10 -30.53
CA ALA A 36 -8.22 -12.88 -30.64
C ALA A 36 -9.31 -12.87 -29.57
N LEU A 37 -9.77 -11.68 -29.23
CA LEU A 37 -10.84 -11.52 -28.25
C LEU A 37 -11.69 -10.32 -28.63
N GLN A 38 -13.00 -10.49 -28.58
CA GLN A 38 -13.94 -9.39 -28.77
C GLN A 38 -15.06 -9.51 -27.75
N ALA A 39 -15.24 -8.47 -26.94
CA ALA A 39 -16.25 -8.55 -25.89
C ALA A 39 -16.81 -7.18 -25.54
N MET A 40 -18.12 -7.11 -25.33
CA MET A 40 -18.75 -5.90 -24.79
C MET A 40 -18.93 -6.01 -23.29
N ASP A 41 -19.01 -4.84 -22.66
CA ASP A 41 -19.30 -4.81 -21.24
C ASP A 41 -20.79 -5.10 -21.04
N ASN A 42 -21.17 -5.29 -19.78
CA ASN A 42 -22.51 -5.77 -19.48
C ASN A 42 -23.59 -4.76 -19.85
N SER A 43 -23.27 -3.46 -19.83
CA SER A 43 -24.20 -2.41 -20.23
C SER A 43 -24.09 -2.07 -21.72
N HIS A 44 -23.15 -2.71 -22.43
CA HIS A 44 -22.95 -2.52 -23.88
C HIS A 44 -22.64 -1.08 -24.26
N VAL A 45 -21.68 -0.47 -23.56
CA VAL A 45 -21.21 0.85 -23.93
C VAL A 45 -19.82 0.81 -24.54
N ALA A 46 -19.00 -0.18 -24.21
CA ALA A 46 -17.63 -0.29 -24.70
C ALA A 46 -17.40 -1.68 -25.28
N LEU A 47 -16.34 -1.80 -26.07
CA LEU A 47 -15.98 -3.04 -26.74
C LEU A 47 -14.47 -3.24 -26.68
N VAL A 48 -14.04 -4.42 -26.22
CA VAL A 48 -12.65 -4.82 -26.17
C VAL A 48 -12.33 -5.64 -27.40
N SER A 49 -11.24 -5.28 -28.08
CA SER A 49 -10.75 -6.01 -29.25
C SER A 49 -9.25 -6.24 -29.05
N MET A 50 -8.89 -7.49 -28.79
CA MET A 50 -7.51 -7.86 -28.54
C MET A 50 -7.03 -8.81 -29.64
N LEU A 51 -5.80 -8.60 -30.10
CA LEU A 51 -5.14 -9.53 -31.01
C LEU A 51 -3.75 -9.81 -30.49
N LEU A 52 -3.47 -11.08 -30.24
CA LEU A 52 -2.14 -11.58 -29.87
C LEU A 52 -1.65 -12.40 -31.06
N LYS A 53 -0.76 -11.82 -31.86
CA LYS A 53 -0.31 -12.47 -33.09
C LYS A 53 0.60 -13.65 -32.76
N ALA A 54 0.57 -14.66 -33.63
CA ALA A 54 1.44 -15.81 -33.49
C ALA A 54 2.92 -15.42 -33.41
N GLU A 55 3.29 -14.32 -34.07
CA GLU A 55 4.68 -13.84 -34.03
C GLU A 55 5.19 -13.73 -32.59
N GLY A 56 4.31 -13.38 -31.65
CA GLY A 56 4.75 -13.17 -30.28
C GLY A 56 4.99 -14.44 -29.50
N PHE A 57 4.44 -15.56 -29.96
CA PHE A 57 4.66 -16.85 -29.34
C PHE A 57 5.86 -17.52 -29.97
N SER A 58 6.67 -18.20 -29.15
CA SER A 58 7.88 -18.82 -29.68
C SER A 58 7.54 -20.05 -30.55
N PRO A 59 6.95 -21.15 -30.01
CA PRO A 59 6.15 -21.99 -30.91
C PRO A 59 4.68 -21.62 -30.81
N TYR A 60 4.06 -21.28 -31.93
CA TYR A 60 2.61 -21.20 -31.99
C TYR A 60 2.10 -22.28 -32.91
N ARG A 61 1.16 -23.08 -32.43
CA ARG A 61 0.59 -24.19 -33.19
C ARG A 61 -0.88 -24.25 -32.85
N CYS A 62 -1.72 -23.89 -33.81
CA CYS A 62 -3.17 -23.94 -33.67
C CYS A 62 -3.69 -24.70 -34.88
N ASP A 63 -4.05 -25.97 -34.66
CA ASP A 63 -4.43 -26.84 -35.77
C ASP A 63 -5.81 -26.50 -36.30
N ARG A 64 -6.75 -26.15 -35.41
CA ARG A 64 -8.11 -25.85 -35.80
C ARG A 64 -8.60 -24.60 -35.07
N ASN A 65 -9.61 -23.95 -35.64
CA ASN A 65 -10.25 -22.80 -35.01
C ASN A 65 -10.89 -23.22 -33.70
N ILE A 66 -10.65 -22.49 -32.63
CA ILE A 66 -11.30 -22.95 -31.40
C ILE A 66 -11.58 -21.78 -30.47
N ALA A 67 -12.66 -21.91 -29.71
CA ALA A 67 -13.11 -20.89 -28.76
C ALA A 67 -12.90 -21.37 -27.33
N LEU A 68 -12.04 -20.67 -26.60
CA LEU A 68 -11.79 -20.95 -25.19
C LEU A 68 -12.61 -19.96 -24.38
N GLY A 69 -13.73 -20.43 -23.82
CA GLY A 69 -14.57 -19.61 -22.97
C GLY A 69 -14.09 -19.60 -21.54
N ILE A 70 -13.57 -18.46 -21.07
CA ILE A 70 -12.89 -18.39 -19.78
C ILE A 70 -13.52 -17.30 -18.93
N ASN A 71 -13.70 -17.61 -17.65
CA ASN A 71 -14.02 -16.61 -16.64
C ASN A 71 -12.72 -15.90 -16.27
N LEU A 72 -12.67 -14.58 -16.48
CA LEU A 72 -11.42 -13.86 -16.32
C LEU A 72 -11.00 -13.72 -14.86
N VAL A 73 -11.94 -13.84 -13.91
CA VAL A 73 -11.54 -13.81 -12.50
C VAL A 73 -10.79 -15.09 -12.14
N SER A 74 -11.31 -16.24 -12.58
CA SER A 74 -10.59 -17.50 -12.38
C SER A 74 -9.24 -17.47 -13.09
N LEU A 75 -9.21 -16.96 -14.31
CA LEU A 75 -7.96 -16.86 -15.05
C LEU A 75 -6.98 -15.91 -14.34
N THR A 76 -7.49 -14.84 -13.72
CA THR A 76 -6.63 -13.94 -12.97
C THR A 76 -6.05 -14.63 -11.74
N LYS A 77 -6.88 -15.40 -11.05
CA LYS A 77 -6.38 -16.13 -9.88
C LYS A 77 -5.30 -17.12 -10.27
N VAL A 78 -5.46 -17.77 -11.42
CA VAL A 78 -4.44 -18.71 -11.88
C VAL A 78 -3.19 -17.99 -12.38
N LEU A 79 -3.38 -16.85 -13.07
CA LEU A 79 -2.26 -16.13 -13.67
C LEU A 79 -1.41 -15.42 -12.63
N ARG A 80 -2.00 -15.07 -11.47
CA ARG A 80 -1.21 -14.49 -10.40
C ARG A 80 -0.15 -15.45 -9.89
N ALA A 81 -0.32 -16.76 -10.15
CA ALA A 81 0.62 -17.78 -9.72
C ALA A 81 1.82 -17.90 -10.65
N ALA A 82 1.92 -17.05 -11.66
CA ALA A 82 3.08 -16.97 -12.54
C ALA A 82 3.90 -15.75 -12.17
N GLN A 83 5.20 -15.83 -12.40
CA GLN A 83 6.06 -14.66 -12.24
C GLN A 83 6.08 -13.84 -13.52
N ASN A 84 6.35 -12.54 -13.38
CA ASN A 84 6.44 -11.66 -14.54
C ASN A 84 7.44 -12.20 -15.56
N GLU A 85 8.59 -12.68 -15.08
CA GLU A 85 9.64 -13.23 -15.94
C GLU A 85 9.61 -14.75 -15.97
N ASP A 86 8.43 -15.35 -16.05
CA ASP A 86 8.29 -16.78 -16.25
C ASP A 86 7.96 -17.08 -17.71
N ILE A 87 8.14 -18.35 -18.07
CA ILE A 87 7.77 -18.86 -19.39
C ILE A 87 6.39 -19.51 -19.28
N LEU A 88 5.46 -19.08 -20.13
CA LEU A 88 4.08 -19.55 -20.07
C LEU A 88 3.78 -20.44 -21.26
N THR A 89 3.14 -21.57 -21.02
CA THR A 89 2.69 -22.45 -22.09
C THR A 89 1.20 -22.70 -21.94
N LEU A 90 0.43 -22.33 -22.95
CA LEU A 90 -1.00 -22.54 -23.00
C LEU A 90 -1.29 -23.68 -23.95
N LYS A 91 -2.14 -24.62 -23.54
CA LYS A 91 -2.44 -25.79 -24.33
C LYS A 91 -3.91 -26.13 -24.23
N ALA A 92 -4.44 -26.71 -25.30
CA ALA A 92 -5.84 -27.12 -25.34
C ALA A 92 -6.03 -28.21 -26.39
N ASP A 93 -6.97 -29.11 -26.13
CA ASP A 93 -7.31 -30.14 -27.09
C ASP A 93 -8.26 -29.54 -28.13
N ASP A 94 -8.67 -30.35 -29.12
CA ASP A 94 -9.57 -29.84 -30.15
C ASP A 94 -11.03 -29.77 -29.72
N SER A 95 -11.46 -30.55 -28.72
CA SER A 95 -12.83 -30.49 -28.21
C SER A 95 -12.79 -30.36 -26.70
N PRO A 96 -12.26 -29.25 -26.18
CA PRO A 96 -11.90 -29.16 -24.77
C PRO A 96 -12.99 -28.63 -23.86
N ASP A 97 -13.05 -29.21 -22.67
CA ASP A 97 -13.76 -28.65 -21.53
C ASP A 97 -12.85 -27.86 -20.59
N ALA A 98 -11.54 -27.87 -20.83
CA ALA A 98 -10.60 -27.16 -19.96
C ALA A 98 -9.38 -26.75 -20.76
N VAL A 99 -8.62 -25.81 -20.17
CA VAL A 99 -7.38 -25.30 -20.76
C VAL A 99 -6.23 -25.56 -19.81
N ASN A 100 -5.07 -25.91 -20.35
CA ASN A 100 -3.89 -26.24 -19.56
C ASN A 100 -2.93 -25.07 -19.61
N LEU A 101 -2.50 -24.61 -18.43
CA LEU A 101 -1.55 -23.52 -18.29
C LEU A 101 -0.32 -24.04 -17.56
N MET A 102 0.86 -23.75 -18.09
CA MET A 102 2.11 -24.23 -17.53
C MET A 102 3.06 -23.06 -17.33
N PHE A 103 3.57 -22.90 -16.12
CA PHE A 103 4.51 -21.84 -15.79
C PHE A 103 5.86 -22.46 -15.47
N GLU A 104 6.88 -22.12 -16.26
CA GLU A 104 8.22 -22.63 -16.06
C GLU A 104 9.13 -21.48 -15.63
N SER A 105 9.78 -21.66 -14.48
CA SER A 105 10.72 -20.67 -13.99
C SER A 105 12.00 -20.71 -14.82
N ALA A 106 12.55 -19.52 -15.08
CA ALA A 106 13.79 -19.44 -15.84
C ALA A 106 14.96 -20.05 -15.08
N GLU A 107 15.28 -19.51 -13.90
CA GLU A 107 16.38 -20.01 -13.10
C GLU A 107 16.04 -21.32 -12.42
N THR A 108 15.36 -21.27 -11.28
CA THR A 108 15.08 -22.51 -10.57
C THR A 108 14.31 -23.47 -11.47
N ASP A 109 14.51 -24.76 -11.23
CA ASP A 109 13.89 -25.81 -12.04
C ASP A 109 12.52 -26.16 -11.45
N ARG A 110 11.67 -25.13 -11.46
CA ARG A 110 10.31 -25.19 -10.92
C ARG A 110 9.31 -25.23 -12.06
N ILE A 111 8.30 -26.10 -11.95
CA ILE A 111 7.24 -26.24 -12.95
C ILE A 111 5.90 -26.17 -12.23
N SER A 112 5.06 -25.22 -12.64
CA SER A 112 3.69 -25.10 -12.14
C SER A 112 2.72 -25.48 -13.25
N GLU A 113 1.65 -26.18 -12.89
CA GLU A 113 0.69 -26.65 -13.89
C GLU A 113 -0.72 -26.48 -13.35
N TYR A 114 -1.59 -25.92 -14.18
CA TYR A 114 -2.97 -25.66 -13.82
C TYR A 114 -3.88 -26.09 -14.95
N ASP A 115 -5.06 -26.59 -14.58
CA ASP A 115 -6.12 -26.91 -15.55
C ASP A 115 -7.34 -26.09 -15.16
N ILE A 116 -7.74 -25.17 -16.03
CA ILE A 116 -8.85 -24.27 -15.76
C ILE A 116 -10.06 -24.74 -16.55
N LYS A 117 -11.16 -25.00 -15.85
CA LYS A 117 -12.41 -25.40 -16.50
C LYS A 117 -12.96 -24.26 -17.34
N LEU A 118 -13.36 -24.58 -18.56
CA LEU A 118 -13.91 -23.59 -19.47
C LEU A 118 -15.41 -23.44 -19.28
N MET A 119 -15.95 -22.34 -19.80
CA MET A 119 -17.39 -22.07 -19.75
C MET A 119 -17.91 -21.85 -21.16
N ASP A 120 -19.22 -21.99 -21.31
CA ASP A 120 -19.91 -21.76 -22.58
C ASP A 120 -20.44 -20.34 -22.64
N ILE A 121 -19.90 -19.56 -23.58
CA ILE A 121 -20.24 -18.15 -23.77
C ILE A 121 -20.80 -18.00 -25.18
N ASP A 122 -21.95 -17.34 -25.29
CA ASP A 122 -22.59 -17.11 -26.57
C ASP A 122 -21.93 -15.95 -27.29
N GLN A 123 -21.44 -16.20 -28.50
CA GLN A 123 -20.53 -15.28 -29.17
C GLN A 123 -21.30 -14.17 -29.90
N GLU A 124 -21.10 -12.94 -29.41
CA GLU A 124 -21.58 -11.64 -29.93
C GLU A 124 -20.49 -11.14 -30.84
N HIS A 125 -20.52 -11.43 -32.11
CA HIS A 125 -19.48 -10.81 -32.90
C HIS A 125 -20.00 -9.55 -33.56
N LEU A 126 -19.19 -8.48 -33.50
CA LEU A 126 -19.52 -7.22 -34.13
C LEU A 126 -18.55 -6.95 -35.27
N ALA A 127 -19.03 -6.26 -36.31
CA ALA A 127 -18.23 -5.90 -37.46
C ALA A 127 -17.70 -4.47 -37.27
N ILE A 128 -16.39 -4.33 -37.12
CA ILE A 128 -15.75 -3.05 -36.92
C ILE A 128 -15.25 -2.54 -38.28
N PRO A 129 -15.74 -1.41 -38.77
CA PRO A 129 -15.42 -1.01 -40.15
C PRO A 129 -14.07 -0.29 -40.23
N GLU A 130 -13.44 -0.46 -41.39
CA GLU A 130 -12.16 0.18 -41.68
C GLU A 130 -12.28 1.69 -41.67
N THR A 131 -12.03 2.31 -40.52
CA THR A 131 -12.30 3.72 -40.33
C THR A 131 -11.05 4.56 -40.62
N GLU A 132 -11.26 5.72 -41.24
CA GLU A 132 -10.25 6.76 -41.34
C GLU A 132 -10.61 7.82 -40.31
N TYR A 133 -9.79 7.96 -39.28
CA TYR A 133 -10.14 8.81 -38.16
C TYR A 133 -9.74 10.25 -38.43
N ALA A 134 -10.60 11.17 -38.01
CA ALA A 134 -10.29 12.59 -38.20
C ALA A 134 -9.12 13.02 -37.33
N ALA A 135 -9.01 12.46 -36.12
CA ALA A 135 -7.92 12.83 -35.22
C ALA A 135 -7.23 11.58 -34.69
N THR A 136 -5.90 11.61 -34.67
CA THR A 136 -5.07 10.53 -34.13
C THR A 136 -4.03 11.14 -33.22
N VAL A 137 -4.06 10.77 -31.94
CA VAL A 137 -3.21 11.35 -30.92
C VAL A 137 -2.35 10.24 -30.32
N GLU A 138 -1.04 10.40 -30.38
CA GLU A 138 -0.09 9.51 -29.72
C GLU A 138 0.48 10.26 -28.53
N MET A 139 0.31 9.70 -27.34
CA MET A 139 0.72 10.40 -26.13
C MET A 139 1.22 9.40 -25.11
N PRO A 140 1.92 9.85 -24.07
CA PRO A 140 2.33 8.93 -23.01
C PRO A 140 1.12 8.29 -22.35
N SER A 141 1.17 6.96 -22.21
CA SER A 141 0.04 6.25 -21.61
C SER A 141 -0.16 6.66 -20.17
N ALA A 142 0.93 6.89 -19.44
CA ALA A 142 0.82 7.32 -18.04
C ALA A 142 0.21 8.71 -17.94
N GLU A 143 0.49 9.59 -18.91
CA GLU A 143 -0.12 10.92 -18.89
C GLU A 143 -1.62 10.84 -19.15
N PHE A 144 -2.03 10.00 -20.11
CA PHE A 144 -3.46 9.84 -20.36
C PHE A 144 -4.16 9.23 -19.15
N GLN A 145 -3.52 8.26 -18.49
CA GLN A 145 -4.10 7.69 -17.28
C GLN A 145 -4.22 8.72 -16.18
N ARG A 146 -3.19 9.55 -16.00
CA ARG A 146 -3.24 10.60 -14.98
C ARG A 146 -4.37 11.59 -15.28
N ILE A 147 -4.50 12.00 -16.54
CA ILE A 147 -5.56 12.92 -16.92
C ILE A 147 -6.92 12.31 -16.63
N CYS A 148 -7.10 11.04 -17.01
CA CYS A 148 -8.40 10.38 -16.84
C CYS A 148 -8.76 10.26 -15.38
N ARG A 149 -7.83 9.82 -14.54
CA ARG A 149 -8.13 9.69 -13.12
C ARG A 149 -8.37 11.06 -12.49
N ASP A 150 -7.54 12.06 -12.84
CA ASP A 150 -7.71 13.40 -12.29
C ASP A 150 -9.10 13.92 -12.59
N LEU A 151 -9.51 13.87 -13.87
CA LEU A 151 -10.82 14.42 -14.23
C LEU A 151 -11.96 13.55 -13.74
N ASN A 152 -11.73 12.25 -13.57
CA ASN A 152 -12.78 11.39 -13.02
C ASN A 152 -13.03 11.71 -11.55
N ALA A 153 -12.02 12.22 -10.86
CA ALA A 153 -12.26 12.69 -9.50
C ALA A 153 -13.15 13.91 -9.47
N LEU A 154 -13.31 14.62 -10.59
CA LEU A 154 -14.10 15.85 -10.57
C LEU A 154 -15.47 15.68 -11.22
N SER A 155 -15.61 14.74 -12.15
CA SER A 155 -16.83 14.64 -12.96
C SER A 155 -17.00 13.21 -13.45
N GLU A 156 -18.13 12.97 -14.10
CA GLU A 156 -18.43 11.68 -14.71
C GLU A 156 -18.18 11.65 -16.21
N SER A 157 -18.08 12.81 -16.85
CA SER A 157 -17.96 12.90 -18.30
C SER A 157 -16.80 13.80 -18.68
N VAL A 158 -16.13 13.45 -19.77
CA VAL A 158 -15.02 14.25 -20.30
C VAL A 158 -15.31 14.56 -21.76
N VAL A 159 -15.05 15.81 -22.15
CA VAL A 159 -15.11 16.24 -23.53
C VAL A 159 -13.69 16.23 -24.08
N ILE A 160 -13.47 15.48 -25.14
CA ILE A 160 -12.20 15.42 -25.84
C ILE A 160 -12.34 16.27 -27.09
N GLU A 161 -11.53 17.32 -27.18
CA GLU A 161 -11.54 18.27 -28.29
C GLU A 161 -10.17 18.24 -28.95
N ALA A 162 -10.11 17.73 -30.18
CA ALA A 162 -8.88 17.71 -30.95
C ALA A 162 -8.98 18.81 -32.02
N THR A 163 -8.02 19.72 -31.99
CA THR A 163 -7.97 20.85 -32.91
C THR A 163 -6.55 20.99 -33.44
N LYS A 164 -6.31 22.04 -34.23
CA LYS A 164 -5.00 22.23 -34.85
C LYS A 164 -3.91 22.46 -33.82
N GLU A 165 -4.22 23.18 -32.74
CA GLU A 165 -3.21 23.46 -31.72
C GLU A 165 -2.86 22.21 -30.92
N GLY A 166 -3.87 21.51 -30.43
CA GLY A 166 -3.61 20.36 -29.58
C GLY A 166 -4.90 19.69 -29.18
N VAL A 167 -4.84 18.94 -28.09
CA VAL A 167 -5.99 18.20 -27.58
C VAL A 167 -6.34 18.68 -26.18
N LYS A 168 -7.63 18.89 -25.95
CA LYS A 168 -8.15 19.43 -24.70
C LYS A 168 -9.12 18.43 -24.10
N PHE A 169 -8.84 18.00 -22.87
CA PHE A 169 -9.76 17.17 -22.10
C PHE A 169 -10.43 18.06 -21.07
N SER A 170 -11.75 18.17 -21.14
CA SER A 170 -12.48 19.11 -20.31
C SER A 170 -13.59 18.39 -19.55
N CYS A 171 -13.98 18.96 -18.42
CA CYS A 171 -15.04 18.36 -17.62
C CYS A 171 -15.70 19.45 -16.78
N GLN A 172 -16.92 19.15 -16.36
CA GLN A 172 -17.74 20.06 -15.56
C GLN A 172 -18.42 19.26 -14.47
N GLY A 173 -18.51 19.85 -13.27
CA GLY A 173 -19.14 19.17 -12.17
C GLY A 173 -19.75 20.10 -11.13
N ASP A 174 -20.23 19.52 -10.02
CA ASP A 174 -20.79 20.34 -8.95
C ASP A 174 -19.71 21.23 -8.33
N ILE A 175 -18.49 20.71 -8.19
CA ILE A 175 -17.40 21.49 -7.64
C ILE A 175 -17.06 22.65 -8.57
N GLY A 176 -17.12 22.42 -9.87
CA GLY A 176 -16.79 23.42 -10.86
C GLY A 176 -16.39 22.80 -12.19
N SER A 177 -15.33 23.31 -12.82
CA SER A 177 -14.91 22.82 -14.12
C SER A 177 -13.40 22.63 -14.14
N GLY A 178 -12.94 21.84 -15.09
CA GLY A 178 -11.52 21.57 -15.23
C GLY A 178 -11.17 21.25 -16.66
N SER A 179 -9.90 21.47 -17.01
CA SER A 179 -9.43 21.18 -18.36
C SER A 179 -7.93 20.95 -18.35
N VAL A 180 -7.48 20.02 -19.17
CA VAL A 180 -6.07 19.72 -19.40
C VAL A 180 -5.82 19.81 -20.90
N THR A 181 -4.92 20.69 -21.31
CA THR A 181 -4.59 20.88 -22.72
C THR A 181 -3.17 20.39 -22.99
N ILE A 182 -3.02 19.52 -23.97
CA ILE A 182 -1.73 19.00 -24.40
C ILE A 182 -1.47 19.49 -25.83
N ARG A 183 -0.20 19.69 -26.13
CA ARG A 183 0.25 20.22 -27.41
C ARG A 183 1.26 19.29 -28.06
N GLN A 184 1.42 19.47 -29.37
CA GLN A 184 2.43 18.78 -30.17
C GLN A 184 3.79 18.88 -29.48
N HIS A 185 4.37 17.74 -29.11
CA HIS A 185 5.56 17.72 -28.27
C HIS A 185 6.52 16.62 -28.72
N THR A 186 7.61 17.00 -29.38
CA THR A 186 8.66 16.07 -29.75
C THR A 186 9.93 16.46 -29.00
N SER A 187 10.63 15.47 -28.46
CA SER A 187 11.86 15.71 -27.74
C SER A 187 12.91 14.70 -28.18
N VAL A 188 14.17 15.08 -28.04
CA VAL A 188 15.26 14.29 -28.58
C VAL A 188 15.96 13.60 -27.41
N ASP A 189 15.91 14.22 -26.24
CA ASP A 189 16.47 13.60 -25.05
C ASP A 189 15.52 12.56 -24.44
N LYS A 190 14.44 13.03 -23.80
CA LYS A 190 13.47 12.11 -23.24
C LYS A 190 12.29 11.92 -24.18
N PRO A 191 12.34 10.92 -25.05
CA PRO A 191 11.27 10.74 -26.04
C PRO A 191 10.09 9.90 -25.55
N GLU A 192 10.09 9.50 -24.28
CA GLU A 192 8.95 8.77 -23.73
C GLU A 192 7.77 9.69 -23.44
N GLN A 193 7.99 11.00 -23.40
CA GLN A 193 6.94 11.98 -23.11
C GLN A 193 6.49 12.72 -24.35
N ASN A 194 6.65 12.11 -25.51
CA ASN A 194 6.31 12.71 -26.80
C ASN A 194 4.81 12.71 -27.03
N VAL A 195 4.32 13.76 -27.70
CA VAL A 195 2.92 13.84 -28.10
C VAL A 195 2.84 14.23 -29.57
N SER A 196 2.19 13.39 -30.38
CA SER A 196 1.98 13.66 -31.80
C SER A 196 0.48 13.75 -32.07
N ILE A 197 0.06 14.76 -32.83
CA ILE A 197 -1.34 14.96 -33.17
C ILE A 197 -1.47 15.06 -34.68
N ALA A 198 -2.08 14.06 -35.30
CA ALA A 198 -2.39 14.07 -36.72
C ALA A 198 -3.88 14.39 -36.88
N LEU A 199 -4.19 15.54 -37.45
CA LEU A 199 -5.55 16.05 -37.52
C LEU A 199 -5.88 16.36 -38.97
N SER A 200 -7.04 15.89 -39.42
CA SER A 200 -7.58 16.27 -40.72
C SER A 200 -8.88 17.03 -40.60
N GLU A 201 -9.48 17.06 -39.41
CA GLU A 201 -10.76 17.67 -39.13
C GLU A 201 -10.92 17.80 -37.62
N PRO A 202 -11.29 18.97 -37.10
CA PRO A 202 -11.44 19.11 -35.64
C PRO A 202 -12.54 18.19 -35.14
N VAL A 203 -12.34 17.63 -33.95
CA VAL A 203 -13.30 16.69 -33.39
C VAL A 203 -13.61 17.13 -31.96
N ALA A 204 -14.84 16.86 -31.52
CA ALA A 204 -15.25 17.15 -30.15
C ALA A 204 -16.31 16.14 -29.74
N LEU A 205 -15.98 15.29 -28.77
CA LEU A 205 -16.92 14.25 -28.34
C LEU A 205 -16.91 14.12 -26.82
N THR A 206 -18.00 13.56 -26.29
CA THR A 206 -18.18 13.39 -24.85
C THR A 206 -18.18 11.91 -24.49
N PHE A 207 -17.48 11.55 -23.42
CA PHE A 207 -17.32 10.16 -23.03
C PHE A 207 -17.40 10.02 -21.52
N SER A 208 -17.69 8.80 -21.08
CA SER A 208 -17.76 8.48 -19.65
C SER A 208 -16.34 8.27 -19.11
N LEU A 209 -16.00 9.01 -18.06
CA LEU A 209 -14.65 8.92 -17.49
C LEU A 209 -14.44 7.59 -16.78
N LYS A 210 -15.51 7.00 -16.25
CA LYS A 210 -15.42 5.69 -15.62
C LYS A 210 -14.84 4.65 -16.58
N TYR A 211 -15.36 4.62 -17.81
CA TYR A 211 -14.88 3.65 -18.79
C TYR A 211 -13.46 3.97 -19.22
N LEU A 212 -13.10 5.26 -19.34
CA LEU A 212 -11.73 5.59 -19.71
C LEU A 212 -10.74 5.19 -18.62
N VAL A 213 -11.11 5.37 -17.36
CA VAL A 213 -10.26 4.93 -16.25
C VAL A 213 -10.11 3.42 -16.29
N ASN A 214 -11.19 2.69 -16.61
CA ASN A 214 -11.07 1.25 -16.77
C ASN A 214 -10.17 0.89 -17.95
N PHE A 215 -10.25 1.66 -19.04
CA PHE A 215 -9.37 1.43 -20.19
C PHE A 215 -7.91 1.59 -19.81
N CYS A 216 -7.63 2.58 -18.95
CA CYS A 216 -6.25 2.90 -18.58
C CYS A 216 -5.60 1.84 -17.69
N LYS A 217 -6.30 0.76 -17.35
CA LYS A 217 -5.65 -0.34 -16.67
C LYS A 217 -4.73 -1.13 -17.59
N ALA A 218 -4.70 -0.79 -18.88
CA ALA A 218 -3.76 -1.34 -19.84
C ALA A 218 -2.46 -0.55 -19.90
N THR A 219 -2.29 0.46 -19.03
CA THR A 219 -1.09 1.28 -19.04
C THR A 219 0.19 0.45 -18.92
N SER A 220 0.12 -0.67 -18.21
CA SER A 220 1.29 -1.53 -18.04
C SER A 220 1.71 -2.19 -19.34
N LEU A 221 0.87 -2.19 -20.37
CA LEU A 221 1.17 -2.88 -21.61
C LEU A 221 2.06 -2.06 -22.55
N SER A 222 2.03 -0.74 -22.45
CA SER A 222 2.80 0.10 -23.36
C SER A 222 3.01 1.48 -22.74
N SER A 223 4.14 2.10 -23.08
CA SER A 223 4.43 3.45 -22.63
C SER A 223 3.72 4.51 -23.45
N LYS A 224 3.14 4.14 -24.59
CA LYS A 224 2.39 5.06 -25.43
C LYS A 224 0.96 4.57 -25.60
N VAL A 225 0.04 5.52 -25.76
CA VAL A 225 -1.36 5.23 -26.06
C VAL A 225 -1.79 6.07 -27.25
N THR A 226 -2.68 5.51 -28.06
CA THR A 226 -3.20 6.19 -29.25
C THR A 226 -4.70 6.38 -29.12
N LEU A 227 -5.15 7.62 -29.26
CA LEU A 227 -6.57 7.97 -29.25
C LEU A 227 -7.00 8.33 -30.67
N CYS A 228 -8.06 7.70 -31.13
CA CYS A 228 -8.56 7.87 -32.49
C CYS A 228 -10.01 8.34 -32.42
N LEU A 229 -10.29 9.49 -33.05
CA LEU A 229 -11.57 10.15 -32.95
C LEU A 229 -12.11 10.56 -34.31
N SER A 230 -13.43 10.56 -34.40
CA SER A 230 -14.22 11.08 -35.51
C SER A 230 -15.60 11.40 -34.94
N GLN A 231 -16.26 12.38 -35.56
CA GLN A 231 -17.50 12.94 -35.02
C GLN A 231 -18.60 11.90 -34.85
N GLU A 232 -18.68 10.90 -35.72
CA GLU A 232 -19.80 9.96 -35.70
C GLU A 232 -19.41 8.51 -35.40
N VAL A 233 -18.17 8.23 -35.00
CA VAL A 233 -17.77 6.88 -34.66
C VAL A 233 -17.32 6.85 -33.21
N PRO A 234 -17.25 5.66 -32.60
CA PRO A 234 -16.78 5.57 -31.21
C PRO A 234 -15.30 5.90 -31.07
N LEU A 235 -14.94 6.33 -29.87
CA LEU A 235 -13.53 6.58 -29.56
C LEU A 235 -12.74 5.28 -29.54
N LEU A 236 -11.53 5.33 -30.09
CA LEU A 236 -10.62 4.19 -30.05
C LEU A 236 -9.43 4.54 -29.16
N VAL A 237 -9.19 3.74 -28.13
CA VAL A 237 -8.02 3.85 -27.27
C VAL A 237 -7.20 2.58 -27.49
N GLU A 238 -6.00 2.73 -28.05
CA GLU A 238 -5.21 1.60 -28.52
C GLU A 238 -3.88 1.56 -27.80
N TYR A 239 -3.51 0.37 -27.32
CA TYR A 239 -2.22 0.10 -26.71
C TYR A 239 -1.52 -0.96 -27.54
N GLY A 240 -0.30 -0.64 -27.99
CA GLY A 240 0.47 -1.58 -28.79
C GLY A 240 1.12 -2.65 -27.91
N LEU A 241 1.05 -3.88 -28.37
CA LEU A 241 1.60 -5.03 -27.67
C LEU A 241 2.91 -5.52 -28.29
N GLY A 242 3.36 -4.89 -29.37
CA GLY A 242 4.53 -5.33 -30.10
C GLY A 242 4.16 -6.36 -31.14
N SER A 243 3.58 -7.47 -30.70
CA SER A 243 3.10 -8.52 -31.59
C SER A 243 1.59 -8.62 -31.48
N GLY A 244 0.90 -7.51 -31.69
CA GLY A 244 -0.53 -7.49 -31.47
C GLY A 244 -0.94 -6.17 -30.88
N HIS A 245 -2.20 -6.09 -30.48
CA HIS A 245 -2.76 -4.84 -29.97
C HIS A 245 -3.88 -5.12 -28.99
N LEU A 246 -4.14 -4.14 -28.13
CA LEU A 246 -5.31 -4.13 -27.26
C LEU A 246 -6.06 -2.83 -27.50
N ARG A 247 -7.30 -2.93 -27.95
CA ARG A 247 -8.09 -1.78 -28.35
C ARG A 247 -9.37 -1.72 -27.54
N PHE A 248 -9.73 -0.51 -27.12
CA PHE A 248 -10.99 -0.24 -26.43
C PHE A 248 -11.78 0.74 -27.29
N TYR A 249 -13.05 0.41 -27.54
CA TYR A 249 -13.96 1.27 -28.27
C TYR A 249 -15.03 1.76 -27.30
N LEU A 250 -15.24 3.07 -27.29
CA LEU A 250 -16.19 3.67 -26.34
C LEU A 250 -17.19 4.52 -27.10
N ALA A 251 -18.47 4.19 -26.95
CA ALA A 251 -19.52 4.99 -27.58
C ALA A 251 -19.67 6.33 -26.85
N PRO A 252 -19.85 7.42 -27.58
CA PRO A 252 -19.97 8.73 -26.93
C PRO A 252 -21.27 8.84 -26.15
N LYS A 253 -21.26 9.76 -25.19
CA LYS A 253 -22.46 10.05 -24.39
C LYS A 253 -23.42 10.92 -25.18
N MET B 1 16.07 -11.32 38.65
CA MET B 1 15.36 -10.55 37.63
C MET B 1 15.76 -11.01 36.24
N LEU B 2 15.19 -10.38 35.22
CA LEU B 2 15.49 -10.71 33.82
C LEU B 2 15.89 -9.44 33.08
N GLU B 3 17.04 -9.48 32.41
CA GLU B 3 17.46 -8.42 31.49
C GLU B 3 18.11 -9.05 30.27
N ALA B 4 17.55 -8.78 29.08
CA ALA B 4 18.10 -9.29 27.83
C ALA B 4 18.01 -8.22 26.74
N ARG B 5 19.13 -7.84 26.14
CA ARG B 5 19.14 -6.76 25.16
C ARG B 5 19.55 -7.30 23.79
N LEU B 6 18.79 -6.92 22.78
CA LEU B 6 19.10 -7.15 21.38
C LEU B 6 19.65 -5.85 20.80
N GLU B 7 20.76 -5.93 20.06
CA GLU B 7 21.32 -4.73 19.48
C GLU B 7 20.41 -4.14 18.41
N GLN B 8 19.67 -5.00 17.71
CA GLN B 8 18.70 -4.56 16.72
C GLN B 8 17.35 -5.19 17.04
N ALA B 9 16.34 -4.34 17.23
CA ALA B 9 15.02 -4.81 17.62
C ALA B 9 14.34 -5.59 16.50
N SER B 10 14.83 -5.43 15.27
CA SER B 10 14.19 -6.00 14.09
C SER B 10 13.74 -7.44 14.32
N LEU B 11 14.67 -8.27 14.80
CA LEU B 11 14.39 -9.69 14.97
C LEU B 11 13.12 -9.91 15.78
N LEU B 12 13.06 -9.32 16.99
CA LEU B 12 11.91 -9.56 17.84
C LEU B 12 10.64 -9.09 17.15
N LYS B 13 10.67 -7.90 16.54
CA LYS B 13 9.51 -7.42 15.80
C LYS B 13 9.14 -8.47 14.78
N ARG B 14 10.12 -8.90 13.96
CA ARG B 14 9.85 -9.90 12.96
C ARG B 14 9.34 -11.19 13.58
N VAL B 15 9.94 -11.61 14.68
CA VAL B 15 9.50 -12.85 15.28
C VAL B 15 8.05 -12.73 15.76
N VAL B 16 7.71 -11.60 16.37
CA VAL B 16 6.36 -11.45 16.87
C VAL B 16 5.36 -11.37 15.73
N ASP B 17 5.76 -10.80 14.59
CA ASP B 17 4.81 -10.70 13.48
C ASP B 17 4.54 -12.05 12.82
N ALA B 18 5.48 -13.00 12.94
CA ALA B 18 5.30 -14.33 12.37
C ALA B 18 4.44 -15.25 13.22
N ILE B 19 4.07 -14.83 14.42
CA ILE B 19 3.39 -15.69 15.38
C ILE B 19 2.01 -15.15 15.75
N LYS B 20 1.87 -13.81 15.76
CA LYS B 20 0.69 -13.19 16.36
C LYS B 20 -0.60 -13.64 15.68
N ASP B 21 -0.60 -13.75 14.35
CA ASP B 21 -1.83 -14.12 13.65
C ASP B 21 -2.20 -15.59 13.82
N LEU B 22 -1.28 -16.42 14.32
CA LEU B 22 -1.58 -17.82 14.58
C LEU B 22 -2.01 -18.03 16.01
N VAL B 23 -1.28 -17.45 16.95
CA VAL B 23 -1.58 -17.56 18.37
C VAL B 23 -1.48 -16.17 18.97
N GLN B 24 -2.49 -15.78 19.76
CA GLN B 24 -2.51 -14.46 20.39
C GLN B 24 -1.88 -14.44 21.77
N ASP B 25 -2.37 -15.23 22.70
CA ASP B 25 -1.89 -15.17 24.08
C ASP B 25 -0.92 -16.30 24.36
N CYS B 26 0.28 -15.96 24.84
CA CYS B 26 1.26 -17.02 25.10
C CYS B 26 2.20 -16.64 26.25
N ASN B 27 2.81 -17.69 26.84
CA ASN B 27 3.85 -17.52 27.85
C ASN B 27 5.22 -17.57 27.20
N PHE B 28 6.05 -16.56 27.51
CA PHE B 28 7.46 -16.59 27.18
C PHE B 28 8.20 -17.14 28.39
N ASP B 29 8.69 -18.36 28.27
CA ASP B 29 9.41 -19.03 29.35
C ASP B 29 10.88 -18.65 29.27
N CYS B 30 11.36 -17.89 30.24
CA CYS B 30 12.73 -17.40 30.28
C CYS B 30 13.51 -18.15 31.33
N ASN B 31 14.67 -18.68 30.93
CA ASN B 31 15.58 -19.38 31.82
C ASN B 31 17.00 -19.12 31.34
N ASP B 32 17.96 -19.87 31.91
CA ASP B 32 19.37 -19.61 31.64
C ASP B 32 19.71 -19.87 30.18
N SER B 33 18.98 -20.76 29.51
CA SER B 33 19.23 -21.00 28.09
C SER B 33 18.71 -19.88 27.21
N GLY B 34 17.75 -19.10 27.69
CA GLY B 34 17.20 -18.00 26.92
C GLY B 34 15.69 -17.88 27.03
N ILE B 35 15.05 -17.40 25.96
CA ILE B 35 13.61 -17.16 25.95
C ILE B 35 12.96 -18.15 25.00
N ALA B 36 12.09 -19.01 25.51
CA ALA B 36 11.42 -20.02 24.72
C ALA B 36 9.92 -19.75 24.70
N LEU B 37 9.27 -20.31 23.68
CA LEU B 37 7.83 -20.18 23.52
C LEU B 37 7.30 -21.45 22.88
N GLN B 38 6.23 -22.00 23.45
CA GLN B 38 5.50 -23.11 22.81
C GLN B 38 4.03 -22.83 22.98
N ALA B 39 3.30 -22.75 21.86
CA ALA B 39 1.90 -22.39 21.92
C ALA B 39 1.13 -23.04 20.78
N MET B 40 -0.06 -23.53 21.09
CA MET B 40 -0.97 -24.07 20.10
C MET B 40 -2.01 -23.01 19.72
N ASP B 41 -2.53 -23.11 18.51
CA ASP B 41 -3.59 -22.20 18.11
C ASP B 41 -4.90 -22.60 18.78
N ASN B 42 -5.91 -21.74 18.61
CA ASN B 42 -7.16 -21.93 19.35
C ASN B 42 -7.89 -23.21 18.92
N SER B 43 -7.68 -23.66 17.68
CA SER B 43 -8.25 -24.90 17.19
C SER B 43 -7.37 -26.11 17.44
N HIS B 44 -6.17 -25.90 17.98
CA HIS B 44 -5.22 -26.98 18.27
C HIS B 44 -4.90 -27.80 17.02
N VAL B 45 -4.62 -27.09 15.94
CA VAL B 45 -4.19 -27.70 14.69
C VAL B 45 -2.72 -27.47 14.41
N ALA B 46 -2.14 -26.37 14.91
CA ALA B 46 -0.74 -26.05 14.69
C ALA B 46 -0.08 -25.71 16.01
N LEU B 47 1.25 -25.79 16.02
CA LEU B 47 2.05 -25.55 17.21
C LEU B 47 3.27 -24.73 16.85
N VAL B 48 3.47 -23.64 17.58
CA VAL B 48 4.63 -22.78 17.44
C VAL B 48 5.64 -23.15 18.51
N SER B 49 6.90 -23.35 18.11
CA SER B 49 8.00 -23.64 19.02
C SER B 49 9.18 -22.75 18.66
N MET B 50 9.44 -21.77 19.51
CA MET B 50 10.49 -20.78 19.36
C MET B 50 11.53 -20.89 20.46
N LEU B 51 12.79 -20.77 20.07
CA LEU B 51 13.88 -20.67 21.02
C LEU B 51 14.75 -19.48 20.61
N LEU B 52 14.90 -18.51 21.51
CA LEU B 52 15.81 -17.37 21.36
C LEU B 52 16.94 -17.63 22.36
N LYS B 53 18.08 -18.09 21.86
CA LYS B 53 19.18 -18.49 22.71
C LYS B 53 19.81 -17.27 23.38
N ALA B 54 20.33 -17.49 24.60
CA ALA B 54 21.03 -16.43 25.31
C ALA B 54 22.16 -15.84 24.48
N GLU B 55 22.75 -16.66 23.59
CA GLU B 55 23.81 -16.20 22.70
C GLU B 55 23.43 -14.91 21.97
N GLY B 56 22.16 -14.77 21.60
CA GLY B 56 21.76 -13.65 20.76
C GLY B 56 21.67 -12.33 21.50
N PHE B 57 21.52 -12.36 22.81
CA PHE B 57 21.52 -11.14 23.59
C PHE B 57 22.95 -10.90 24.10
N SER B 58 23.39 -9.64 24.05
CA SER B 58 24.73 -9.32 24.51
C SER B 58 24.87 -9.41 26.02
N PRO B 59 24.10 -8.64 26.84
CA PRO B 59 23.84 -9.15 28.19
C PRO B 59 22.53 -9.91 28.22
N TYR B 60 22.62 -11.18 28.59
CA TYR B 60 21.46 -11.97 28.98
C TYR B 60 21.64 -12.35 30.43
N ARG B 61 20.64 -12.06 31.25
CA ARG B 61 20.71 -12.35 32.68
C ARG B 61 19.32 -12.78 33.13
N CYS B 62 19.20 -14.05 33.50
CA CYS B 62 17.94 -14.61 34.02
C CYS B 62 18.30 -15.32 35.32
N ASP B 63 17.96 -14.69 36.44
CA ASP B 63 18.34 -15.24 37.74
C ASP B 63 17.46 -16.42 38.13
N ARG B 64 16.17 -16.36 37.80
CA ARG B 64 15.25 -17.45 38.10
C ARG B 64 14.37 -17.69 36.90
N ASN B 65 13.84 -18.91 36.81
CA ASN B 65 12.89 -19.24 35.75
C ASN B 65 11.64 -18.39 35.88
N ILE B 66 11.19 -17.81 34.76
CA ILE B 66 10.06 -16.89 34.77
C ILE B 66 9.20 -17.10 33.54
N ALA B 67 7.88 -17.00 33.72
CA ALA B 67 6.92 -17.10 32.63
C ALA B 67 6.24 -15.74 32.46
N LEU B 68 6.47 -15.10 31.32
CA LEU B 68 5.86 -13.81 30.99
C LEU B 68 4.65 -14.08 30.10
N GLY B 69 3.45 -13.98 30.66
CA GLY B 69 2.24 -14.18 29.87
C GLY B 69 1.86 -12.91 29.14
N ILE B 70 1.99 -12.93 27.81
CA ILE B 70 1.85 -11.72 27.00
C ILE B 70 0.80 -11.93 25.93
N ASN B 71 -0.02 -10.91 25.73
CA ASN B 71 -0.91 -10.78 24.58
C ASN B 71 -0.08 -10.28 23.40
N LEU B 72 -0.03 -11.06 22.33
CA LEU B 72 0.86 -10.73 21.22
C LEU B 72 0.38 -9.53 20.40
N VAL B 73 -0.91 -9.21 20.45
CA VAL B 73 -1.38 -8.00 19.77
C VAL B 73 -0.87 -6.76 20.51
N SER B 74 -0.96 -6.78 21.84
CA SER B 74 -0.41 -5.69 22.64
C SER B 74 1.09 -5.56 22.42
N LEU B 75 1.80 -6.69 22.42
CA LEU B 75 3.24 -6.66 22.20
C LEU B 75 3.56 -6.16 20.81
N THR B 76 2.73 -6.49 19.82
CA THR B 76 2.94 -5.97 18.47
C THR B 76 2.74 -4.47 18.42
N LYS B 77 1.72 -3.95 19.12
CA LYS B 77 1.51 -2.51 19.16
C LYS B 77 2.68 -1.80 19.81
N VAL B 78 3.25 -2.40 20.87
CA VAL B 78 4.39 -1.78 21.53
C VAL B 78 5.64 -1.88 20.66
N LEU B 79 5.82 -3.01 19.98
CA LEU B 79 7.02 -3.21 19.18
C LEU B 79 7.00 -2.35 17.93
N ARG B 80 5.81 -2.00 17.43
CA ARG B 80 5.74 -1.09 16.30
C ARG B 80 6.34 0.27 16.64
N ALA B 81 6.42 0.61 17.92
CA ALA B 81 7.00 1.86 18.38
C ALA B 81 8.52 1.82 18.47
N ALA B 82 9.14 0.70 18.09
CA ALA B 82 10.59 0.63 18.03
C ALA B 82 11.04 0.73 16.58
N GLN B 83 12.17 1.39 16.37
CA GLN B 83 12.75 1.45 15.04
C GLN B 83 13.58 0.19 14.81
N ASN B 84 13.69 -0.20 13.54
CA ASN B 84 14.50 -1.35 13.19
C ASN B 84 15.90 -1.21 13.76
N GLU B 85 16.47 -0.01 13.65
CA GLU B 85 17.82 0.27 14.14
C GLU B 85 17.74 0.98 15.49
N ASP B 86 17.15 0.28 16.46
CA ASP B 86 17.19 0.69 17.85
C ASP B 86 17.82 -0.42 18.68
N ILE B 87 18.22 -0.07 19.90
CA ILE B 87 18.70 -1.05 20.87
C ILE B 87 17.50 -1.42 21.73
N LEU B 88 17.17 -2.70 21.80
CA LEU B 88 15.99 -3.15 22.53
C LEU B 88 16.46 -3.87 23.78
N THR B 89 15.92 -3.50 24.93
CA THR B 89 16.22 -4.16 26.19
C THR B 89 14.91 -4.63 26.80
N LEU B 90 14.81 -5.93 27.05
CA LEU B 90 13.66 -6.54 27.69
C LEU B 90 14.01 -6.79 29.14
N LYS B 91 13.11 -6.42 30.05
CA LYS B 91 13.36 -6.49 31.48
C LYS B 91 12.11 -6.96 32.20
N ALA B 92 12.35 -7.61 33.34
CA ALA B 92 11.28 -8.09 34.18
C ALA B 92 11.80 -8.22 35.61
N ASP B 93 10.94 -7.93 36.57
CA ASP B 93 11.26 -8.01 37.98
C ASP B 93 11.12 -9.46 38.46
N ASP B 94 11.33 -9.67 39.77
CA ASP B 94 11.22 -11.02 40.31
C ASP B 94 9.76 -11.45 40.43
N SER B 95 8.89 -10.54 40.86
CA SER B 95 7.45 -10.80 41.02
C SER B 95 6.71 -9.81 40.12
N PRO B 96 6.79 -9.98 38.81
CA PRO B 96 6.36 -8.89 37.91
C PRO B 96 4.87 -8.92 37.63
N ASP B 97 4.28 -7.72 37.64
CA ASP B 97 2.94 -7.49 37.11
C ASP B 97 2.97 -6.98 35.67
N ALA B 98 4.16 -6.68 35.15
CA ALA B 98 4.30 -6.15 33.81
C ALA B 98 5.69 -6.50 33.29
N VAL B 99 5.88 -6.31 31.99
CA VAL B 99 7.16 -6.51 31.32
C VAL B 99 7.61 -5.19 30.73
N ASN B 100 8.90 -4.87 30.88
CA ASN B 100 9.44 -3.57 30.49
C ASN B 100 10.26 -3.71 29.21
N LEU B 101 9.97 -2.86 28.23
CA LEU B 101 10.70 -2.82 26.97
C LEU B 101 11.31 -1.43 26.80
N MET B 102 12.58 -1.39 26.41
CA MET B 102 13.29 -0.13 26.25
C MET B 102 13.91 -0.07 24.86
N PHE B 103 13.60 1.00 24.13
CA PHE B 103 14.15 1.24 22.80
C PHE B 103 15.05 2.46 22.91
N GLU B 104 16.33 2.25 22.64
CA GLU B 104 17.33 3.31 22.74
C GLU B 104 17.85 3.61 21.35
N SER B 105 17.79 4.88 20.96
CA SER B 105 18.28 5.26 19.65
C SER B 105 19.80 5.13 19.60
N ALA B 106 20.31 4.59 18.49
CA ALA B 106 21.76 4.53 18.31
C ALA B 106 22.33 5.93 18.22
N GLU B 107 21.92 6.67 17.20
CA GLU B 107 22.22 8.10 17.16
C GLU B 107 21.23 8.82 18.06
N THR B 108 21.69 9.93 18.67
CA THR B 108 20.89 10.74 19.60
C THR B 108 20.62 10.07 20.95
N ASP B 109 20.26 10.88 21.94
CA ASP B 109 19.88 10.42 23.27
C ASP B 109 18.39 10.16 23.40
N ARG B 110 17.75 9.41 22.51
CA ARG B 110 16.32 9.24 22.60
C ARG B 110 16.04 7.89 23.24
N ILE B 111 15.15 7.88 24.22
CA ILE B 111 14.83 6.67 24.96
C ILE B 111 13.31 6.53 24.98
N SER B 112 12.83 5.42 24.46
CA SER B 112 11.41 5.07 24.55
C SER B 112 11.32 3.91 25.54
N GLU B 113 10.32 3.96 26.41
CA GLU B 113 10.22 2.97 27.47
C GLU B 113 8.76 2.64 27.68
N TYR B 114 8.45 1.34 27.71
CA TYR B 114 7.08 0.84 27.76
C TYR B 114 6.94 -0.26 28.80
N ASP B 115 5.78 -0.29 29.45
CA ASP B 115 5.43 -1.34 30.40
C ASP B 115 4.13 -2.00 29.95
N ILE B 116 4.20 -3.28 29.62
CA ILE B 116 3.05 -4.04 29.15
C ILE B 116 2.53 -4.89 30.30
N LYS B 117 1.27 -4.71 30.66
CA LYS B 117 0.67 -5.52 31.72
C LYS B 117 0.63 -6.97 31.30
N LEU B 118 1.02 -7.85 32.21
CA LEU B 118 1.10 -9.27 31.92
C LEU B 118 -0.26 -9.94 32.09
N MET B 119 -0.36 -11.16 31.58
CA MET B 119 -1.56 -11.97 31.65
C MET B 119 -1.26 -13.24 32.42
N ASP B 120 -2.30 -13.86 32.96
CA ASP B 120 -2.18 -15.16 33.60
C ASP B 120 -2.59 -16.19 32.55
N ILE B 121 -1.61 -16.92 32.02
CA ILE B 121 -1.84 -17.89 30.96
C ILE B 121 -1.31 -19.24 31.43
N ASP B 122 -2.19 -20.24 31.45
CA ASP B 122 -1.76 -21.61 31.71
C ASP B 122 -1.49 -22.29 30.35
N GLN B 123 -0.23 -22.61 30.10
CA GLN B 123 0.20 -23.12 28.81
C GLN B 123 0.34 -24.63 28.89
N GLU B 124 -0.27 -25.34 27.93
CA GLU B 124 -0.23 -26.80 27.90
C GLU B 124 0.96 -27.21 27.05
N HIS B 125 2.09 -27.46 27.70
CA HIS B 125 3.31 -27.79 26.99
C HIS B 125 3.27 -29.25 26.54
N LEU B 126 3.72 -29.48 25.31
CA LEU B 126 3.77 -30.81 24.72
C LEU B 126 5.22 -31.21 24.50
N ALA B 127 5.48 -32.51 24.55
CA ALA B 127 6.82 -33.04 24.33
C ALA B 127 6.94 -33.38 22.85
N ILE B 128 7.77 -32.62 22.13
CA ILE B 128 7.98 -32.83 20.71
C ILE B 128 9.23 -33.71 20.55
N PRO B 129 9.10 -34.91 20.02
CA PRO B 129 10.22 -35.86 20.05
C PRO B 129 11.20 -35.62 18.92
N GLU B 130 12.47 -35.93 19.21
CA GLU B 130 13.56 -35.83 18.24
C GLU B 130 13.35 -36.82 17.10
N THR B 131 12.71 -36.38 16.02
CA THR B 131 12.29 -37.25 14.94
C THR B 131 13.35 -37.27 13.85
N GLU B 132 13.51 -38.44 13.22
CA GLU B 132 14.27 -38.60 12.00
C GLU B 132 13.25 -38.61 10.88
N TYR B 133 13.26 -37.57 10.05
CA TYR B 133 12.21 -37.34 9.08
C TYR B 133 12.50 -38.08 7.78
N ALA B 134 11.44 -38.60 7.16
CA ALA B 134 11.60 -39.28 5.87
C ALA B 134 12.02 -38.30 4.78
N ALA B 135 11.51 -37.07 4.83
CA ALA B 135 11.82 -36.06 3.82
C ALA B 135 12.25 -34.76 4.48
N THR B 136 13.32 -34.17 3.95
CA THR B 136 13.81 -32.88 4.40
C THR B 136 14.09 -32.02 3.18
N VAL B 137 13.37 -30.90 3.06
CA VAL B 137 13.45 -30.02 1.90
C VAL B 137 13.94 -28.65 2.37
N GLU B 138 15.04 -28.19 1.80
CA GLU B 138 15.55 -26.84 2.04
C GLU B 138 15.28 -26.02 0.79
N MET B 139 14.54 -24.94 0.92
CA MET B 139 14.16 -24.21 -0.27
C MET B 139 14.09 -22.73 0.05
N PRO B 140 14.05 -21.86 -0.95
CA PRO B 140 13.86 -20.43 -0.68
C PRO B 140 12.53 -20.20 0.03
N SER B 141 12.58 -19.43 1.12
CA SER B 141 11.38 -19.18 1.91
C SER B 141 10.35 -18.39 1.11
N ALA B 142 10.82 -17.44 0.29
CA ALA B 142 9.90 -16.65 -0.53
C ALA B 142 9.21 -17.50 -1.59
N GLU B 143 9.92 -18.49 -2.13
CA GLU B 143 9.32 -19.38 -3.11
C GLU B 143 8.23 -20.24 -2.48
N PHE B 144 8.49 -20.74 -1.26
CA PHE B 144 7.47 -21.50 -0.54
C PHE B 144 6.26 -20.62 -0.22
N GLN B 145 6.51 -19.35 0.13
CA GLN B 145 5.42 -18.43 0.42
C GLN B 145 4.55 -18.19 -0.82
N ARG B 146 5.19 -17.98 -1.98
CA ARG B 146 4.42 -17.82 -3.21
C ARG B 146 3.64 -19.08 -3.56
N ILE B 147 4.24 -20.25 -3.39
CA ILE B 147 3.52 -21.50 -3.67
C ILE B 147 2.27 -21.59 -2.80
N CYS B 148 2.41 -21.29 -1.50
CA CYS B 148 1.29 -21.38 -0.59
C CYS B 148 0.21 -20.36 -0.93
N ARG B 149 0.61 -19.12 -1.23
CA ARG B 149 -0.38 -18.09 -1.57
C ARG B 149 -1.11 -18.43 -2.86
N ASP B 150 -0.36 -18.84 -3.88
CA ASP B 150 -0.93 -19.18 -5.18
C ASP B 150 -1.95 -20.30 -5.05
N LEU B 151 -1.57 -21.39 -4.35
CA LEU B 151 -2.51 -22.50 -4.22
C LEU B 151 -3.66 -22.15 -3.29
N ASN B 152 -3.46 -21.25 -2.33
CA ASN B 152 -4.55 -20.84 -1.46
C ASN B 152 -5.60 -20.04 -2.22
N ALA B 153 -5.20 -19.35 -3.30
CA ALA B 153 -6.19 -18.67 -4.11
C ALA B 153 -7.13 -19.65 -4.83
N LEU B 154 -6.72 -20.91 -4.99
CA LEU B 154 -7.51 -21.90 -5.72
C LEU B 154 -8.22 -22.93 -4.84
N SER B 155 -7.70 -23.20 -3.64
CA SER B 155 -8.20 -24.30 -2.84
C SER B 155 -7.93 -24.03 -1.37
N GLU B 156 -8.47 -24.91 -0.52
CA GLU B 156 -8.26 -24.84 0.91
C GLU B 156 -7.21 -25.83 1.41
N SER B 157 -6.89 -26.85 0.62
CA SER B 157 -6.01 -27.92 1.03
C SER B 157 -4.96 -28.16 -0.04
N VAL B 158 -3.75 -28.53 0.40
CA VAL B 158 -2.66 -28.86 -0.50
C VAL B 158 -2.14 -30.26 -0.18
N VAL B 159 -1.88 -31.03 -1.22
CA VAL B 159 -1.25 -32.34 -1.12
C VAL B 159 0.24 -32.14 -1.40
N ILE B 160 1.07 -32.51 -0.44
CA ILE B 160 2.51 -32.46 -0.56
C ILE B 160 3.00 -33.89 -0.77
N GLU B 161 3.64 -34.12 -1.91
CA GLU B 161 4.19 -35.42 -2.28
C GLU B 161 5.69 -35.27 -2.47
N ALA B 162 6.47 -35.88 -1.57
CA ALA B 162 7.93 -35.87 -1.65
C ALA B 162 8.39 -37.23 -2.13
N THR B 163 9.11 -37.24 -3.26
CA THR B 163 9.65 -38.44 -3.90
C THR B 163 11.08 -38.14 -4.35
N LYS B 164 11.69 -39.13 -5.02
CA LYS B 164 13.06 -38.98 -5.50
C LYS B 164 13.16 -37.92 -6.60
N GLU B 165 12.11 -37.77 -7.42
CA GLU B 165 12.16 -36.77 -8.49
C GLU B 165 12.16 -35.37 -7.92
N GLY B 166 11.23 -35.08 -7.02
CA GLY B 166 11.16 -33.77 -6.39
C GLY B 166 10.00 -33.77 -5.42
N VAL B 167 9.54 -32.58 -5.06
CA VAL B 167 8.36 -32.46 -4.22
C VAL B 167 7.32 -31.64 -4.97
N LYS B 168 6.08 -32.12 -4.92
CA LYS B 168 4.96 -31.58 -5.68
C LYS B 168 3.87 -31.15 -4.71
N PHE B 169 3.46 -29.88 -4.81
CA PHE B 169 2.33 -29.34 -4.07
C PHE B 169 1.15 -29.22 -5.03
N SER B 170 0.07 -29.93 -4.73
CA SER B 170 -1.07 -29.97 -5.65
C SER B 170 -2.34 -29.61 -4.90
N CYS B 171 -3.33 -29.12 -5.65
CA CYS B 171 -4.60 -28.75 -5.05
C CYS B 171 -5.69 -28.82 -6.11
N GLN B 172 -6.93 -28.88 -5.64
CA GLN B 172 -8.09 -28.92 -6.51
C GLN B 172 -9.16 -27.97 -6.00
N GLY B 173 -9.83 -27.31 -6.94
CA GLY B 173 -10.83 -26.34 -6.56
C GLY B 173 -11.94 -26.14 -7.57
N ASP B 174 -12.79 -25.14 -7.29
CA ASP B 174 -13.89 -24.85 -8.20
C ASP B 174 -13.39 -24.41 -9.56
N ILE B 175 -12.30 -23.63 -9.58
CA ILE B 175 -11.70 -23.20 -10.84
C ILE B 175 -11.12 -24.40 -11.58
N GLY B 176 -10.55 -25.35 -10.85
CA GLY B 176 -9.92 -26.51 -11.46
C GLY B 176 -8.88 -27.13 -10.56
N SER B 177 -7.72 -27.47 -11.12
CA SER B 177 -6.65 -28.11 -10.38
C SER B 177 -5.33 -27.41 -10.66
N GLY B 178 -4.39 -27.58 -9.75
CA GLY B 178 -3.09 -26.95 -9.88
C GLY B 178 -2.01 -27.73 -9.17
N SER B 179 -0.77 -27.53 -9.62
CA SER B 179 0.37 -28.18 -8.99
C SER B 179 1.62 -27.38 -9.27
N VAL B 180 2.51 -27.33 -8.28
CA VAL B 180 3.83 -26.74 -8.39
C VAL B 180 4.84 -27.81 -8.00
N THR B 181 5.73 -28.16 -8.92
CA THR B 181 6.74 -29.18 -8.71
C THR B 181 8.13 -28.56 -8.67
N ILE B 182 8.88 -28.82 -7.59
CA ILE B 182 10.25 -28.36 -7.49
C ILE B 182 11.17 -29.58 -7.38
N ARG B 183 12.37 -29.41 -7.93
CA ARG B 183 13.42 -30.40 -7.93
C ARG B 183 14.62 -29.72 -7.31
N GLN B 184 15.52 -30.48 -6.70
CA GLN B 184 16.69 -29.80 -6.17
C GLN B 184 17.57 -29.20 -7.26
N HIS B 185 18.21 -28.10 -6.90
CA HIS B 185 18.85 -27.18 -7.80
C HIS B 185 20.23 -26.92 -7.20
N THR B 186 21.04 -27.98 -7.21
CA THR B 186 22.39 -27.99 -6.68
C THR B 186 23.17 -26.74 -7.05
N SER B 187 23.11 -25.72 -6.18
CA SER B 187 23.94 -24.53 -6.30
C SER B 187 23.67 -23.68 -7.54
N VAL B 188 24.11 -22.42 -7.45
CA VAL B 188 23.96 -21.41 -8.49
C VAL B 188 25.11 -20.43 -8.26
N ASP B 189 25.15 -19.37 -9.05
CA ASP B 189 26.10 -18.30 -8.76
C ASP B 189 25.60 -17.50 -7.58
N LYS B 190 24.32 -17.14 -7.64
CA LYS B 190 23.52 -16.53 -6.58
C LYS B 190 22.81 -17.67 -5.86
N PRO B 191 23.35 -18.15 -4.74
CA PRO B 191 22.86 -19.38 -4.12
C PRO B 191 21.60 -19.22 -3.27
N GLU B 192 20.92 -18.08 -3.34
CA GLU B 192 19.69 -17.91 -2.57
C GLU B 192 18.53 -18.72 -3.13
N GLN B 193 18.67 -19.29 -4.33
CA GLN B 193 17.61 -20.07 -4.96
C GLN B 193 17.86 -21.58 -4.92
N ASN B 194 18.63 -22.06 -3.96
CA ASN B 194 18.96 -23.47 -3.90
C ASN B 194 17.80 -24.27 -3.33
N VAL B 195 17.69 -25.51 -3.80
CA VAL B 195 16.72 -26.47 -3.31
C VAL B 195 17.47 -27.74 -2.95
N SER B 196 17.28 -28.23 -1.73
CA SER B 196 17.87 -29.47 -1.26
C SER B 196 16.75 -30.43 -0.91
N ILE B 197 16.86 -31.67 -1.38
CA ILE B 197 15.87 -32.71 -1.08
C ILE B 197 16.63 -33.93 -0.56
N ALA B 198 16.51 -34.19 0.74
CA ALA B 198 17.04 -35.39 1.38
C ALA B 198 15.88 -36.33 1.67
N LEU B 199 15.86 -37.48 0.97
CA LEU B 199 14.73 -38.39 1.04
C LEU B 199 15.21 -39.80 1.34
N SER B 200 14.54 -40.44 2.31
CA SER B 200 14.75 -41.85 2.59
C SER B 200 13.52 -42.70 2.33
N GLU B 201 12.36 -42.10 2.15
CA GLU B 201 11.09 -42.79 1.95
C GLU B 201 10.06 -41.77 1.46
N PRO B 202 9.31 -42.07 0.40
CA PRO B 202 8.34 -41.10 -0.12
C PRO B 202 7.25 -40.78 0.89
N VAL B 203 6.81 -39.52 0.87
CA VAL B 203 5.77 -39.06 1.78
C VAL B 203 4.68 -38.38 0.97
N ALA B 204 3.44 -38.49 1.43
CA ALA B 204 2.31 -37.84 0.76
C ALA B 204 1.27 -37.49 1.82
N LEU B 205 1.09 -36.20 2.08
CA LEU B 205 0.17 -35.76 3.11
C LEU B 205 -0.60 -34.54 2.64
N THR B 206 -1.75 -34.31 3.28
CA THR B 206 -2.63 -33.19 2.95
C THR B 206 -2.66 -32.21 4.11
N PHE B 207 -2.60 -30.92 3.79
CA PHE B 207 -2.51 -29.88 4.82
C PHE B 207 -3.41 -28.71 4.46
N SER B 208 -3.75 -27.93 5.49
CA SER B 208 -4.58 -26.73 5.33
C SER B 208 -3.72 -25.59 4.82
N LEU B 209 -4.13 -24.99 3.70
CA LEU B 209 -3.34 -23.91 3.11
C LEU B 209 -3.42 -22.63 3.94
N LYS B 210 -4.52 -22.41 4.66
CA LYS B 210 -4.61 -21.25 5.55
C LYS B 210 -3.48 -21.25 6.58
N TYR B 211 -3.26 -22.42 7.21
CA TYR B 211 -2.22 -22.51 8.23
C TYR B 211 -0.83 -22.35 7.64
N LEU B 212 -0.60 -22.88 6.44
CA LEU B 212 0.70 -22.71 5.79
C LEU B 212 0.95 -21.26 5.41
N VAL B 213 -0.09 -20.56 4.93
CA VAL B 213 0.04 -19.15 4.61
C VAL B 213 0.36 -18.35 5.87
N ASN B 214 -0.28 -18.72 6.99
CA ASN B 214 0.06 -18.07 8.26
C ASN B 214 1.50 -18.38 8.67
N PHE B 215 1.96 -19.61 8.43
CA PHE B 215 3.34 -19.97 8.74
C PHE B 215 4.31 -19.12 7.94
N CYS B 216 3.97 -18.82 6.70
CA CYS B 216 4.86 -18.08 5.80
C CYS B 216 5.00 -16.61 6.20
N LYS B 217 4.36 -16.17 7.28
CA LYS B 217 4.63 -14.83 7.80
C LYS B 217 5.98 -14.74 8.49
N ALA B 218 6.69 -15.87 8.62
CA ALA B 218 8.06 -15.89 9.10
C ALA B 218 9.08 -15.74 7.99
N THR B 219 8.63 -15.54 6.74
CA THR B 219 9.54 -15.42 5.61
C THR B 219 10.57 -14.32 5.84
N SER B 220 10.21 -13.26 6.55
CA SER B 220 11.13 -12.16 6.82
C SER B 220 12.29 -12.56 7.74
N LEU B 221 12.20 -13.73 8.41
CA LEU B 221 13.23 -14.11 9.36
C LEU B 221 14.43 -14.77 8.68
N SER B 222 14.25 -15.37 7.51
CA SER B 222 15.33 -16.08 6.85
C SER B 222 15.00 -16.22 5.37
N SER B 223 16.04 -16.27 4.54
CA SER B 223 15.86 -16.46 3.11
C SER B 223 15.58 -17.90 2.72
N LYS B 224 15.78 -18.86 3.63
CA LYS B 224 15.48 -20.25 3.36
C LYS B 224 14.49 -20.78 4.40
N VAL B 225 13.70 -21.77 3.98
CA VAL B 225 12.77 -22.48 4.85
C VAL B 225 13.02 -23.98 4.70
N THR B 226 12.79 -24.71 5.79
CA THR B 226 12.99 -26.16 5.82
C THR B 226 11.66 -26.85 6.09
N LEU B 227 11.31 -27.79 5.23
CA LEU B 227 10.12 -28.62 5.38
C LEU B 227 10.54 -30.03 5.78
N CYS B 228 9.97 -30.54 6.85
CA CYS B 228 10.30 -31.86 7.38
C CYS B 228 9.02 -32.69 7.43
N LEU B 229 9.04 -33.83 6.74
CA LEU B 229 7.85 -34.65 6.54
C LEU B 229 8.14 -36.11 6.85
N SER B 230 7.12 -36.78 7.37
CA SER B 230 7.12 -38.24 7.50
C SER B 230 5.68 -38.69 7.68
N GLN B 231 5.39 -39.89 7.19
CA GLN B 231 4.04 -40.44 7.30
C GLN B 231 3.68 -40.61 8.76
N GLU B 232 2.48 -40.15 9.12
CA GLU B 232 1.90 -40.21 10.46
C GLU B 232 2.50 -39.24 11.47
N VAL B 233 3.36 -38.31 11.05
CA VAL B 233 3.86 -37.28 11.95
C VAL B 233 3.46 -35.94 11.38
N PRO B 234 3.41 -34.88 12.19
CA PRO B 234 3.06 -33.56 11.65
C PRO B 234 4.16 -33.00 10.77
N LEU B 235 3.74 -32.12 9.85
CA LEU B 235 4.69 -31.38 9.04
C LEU B 235 5.43 -30.37 9.91
N LEU B 236 6.73 -30.23 9.69
CA LEU B 236 7.52 -29.20 10.37
C LEU B 236 7.97 -28.17 9.35
N VAL B 237 7.64 -26.91 9.59
CA VAL B 237 8.12 -25.79 8.79
C VAL B 237 9.03 -24.95 9.69
N GLU B 238 10.31 -24.90 9.33
CA GLU B 238 11.35 -24.35 10.21
C GLU B 238 12.03 -23.18 9.54
N TYR B 239 12.16 -22.09 10.30
CA TYR B 239 12.90 -20.90 9.91
C TYR B 239 14.00 -20.68 10.93
N GLY B 240 15.25 -20.61 10.45
CA GLY B 240 16.36 -20.40 11.35
C GLY B 240 16.52 -18.94 11.75
N LEU B 241 16.76 -18.72 13.03
CA LEU B 241 17.03 -17.40 13.58
C LEU B 241 18.49 -17.21 13.87
N GLY B 242 19.30 -18.25 13.67
CA GLY B 242 20.72 -18.22 13.96
C GLY B 242 21.00 -18.71 15.36
N SER B 243 21.13 -17.80 16.31
CA SER B 243 21.25 -18.20 17.71
C SER B 243 19.84 -18.42 18.25
N GLY B 244 19.17 -19.35 17.59
CA GLY B 244 17.77 -19.67 17.88
C GLY B 244 17.06 -20.06 16.60
N HIS B 245 15.79 -20.43 16.78
CA HIS B 245 14.96 -20.99 15.72
C HIS B 245 13.49 -20.73 16.00
N LEU B 246 12.70 -20.75 14.92
CA LEU B 246 11.23 -20.72 14.97
C LEU B 246 10.67 -21.87 14.15
N ARG B 247 9.89 -22.73 14.79
CA ARG B 247 9.37 -23.95 14.18
C ARG B 247 7.84 -23.96 14.23
N PHE B 248 7.23 -24.41 13.13
CA PHE B 248 5.79 -24.60 13.07
C PHE B 248 5.50 -26.08 12.79
N TYR B 249 4.60 -26.65 13.59
CA TYR B 249 4.14 -28.02 13.41
C TYR B 249 2.67 -28.00 13.01
N LEU B 250 2.34 -28.69 11.93
CA LEU B 250 0.98 -28.71 11.40
C LEU B 250 0.51 -30.14 11.26
N ALA B 251 -0.60 -30.47 11.92
CA ALA B 251 -1.17 -31.80 11.78
C ALA B 251 -1.80 -31.94 10.40
N PRO B 252 -1.64 -33.10 9.75
CA PRO B 252 -2.22 -33.27 8.41
C PRO B 252 -3.74 -33.24 8.46
N LYS B 253 -4.33 -32.91 7.31
CA LYS B 253 -5.78 -32.87 7.22
C LYS B 253 -6.34 -34.28 7.14
N ILE B 254 -7.28 -34.58 8.03
CA ILE B 254 -7.98 -35.86 8.05
C ILE B 254 -9.46 -35.52 8.21
N GLY B 255 -10.17 -35.45 7.09
CA GLY B 255 -11.58 -35.07 7.09
C GLY B 255 -12.16 -35.44 5.72
N ASP B 256 -13.35 -34.92 5.44
CA ASP B 256 -13.94 -34.99 4.11
C ASP B 256 -14.23 -33.59 3.56
N GLU B 257 -13.71 -32.56 4.23
CA GLU B 257 -13.87 -31.17 3.79
C GLU B 257 -13.28 -30.96 2.41
N MET C 1 -7.62 41.10 -9.94
CA MET C 1 -7.88 41.42 -8.54
C MET C 1 -6.94 40.67 -7.61
N LEU C 2 -6.98 39.34 -7.67
CA LEU C 2 -6.10 38.51 -6.86
C LEU C 2 -5.35 37.54 -7.76
N GLU C 3 -4.03 37.55 -7.65
CA GLU C 3 -3.17 36.56 -8.30
C GLU C 3 -2.04 36.19 -7.35
N ALA C 4 -1.89 34.90 -7.09
CA ALA C 4 -0.80 34.37 -6.29
C ALA C 4 -0.23 33.18 -7.03
N ARG C 5 1.04 33.27 -7.41
CA ARG C 5 1.65 32.25 -8.24
C ARG C 5 2.74 31.57 -7.40
N LEU C 6 2.67 30.26 -7.33
CA LEU C 6 3.68 29.47 -6.64
C LEU C 6 4.66 28.91 -7.64
N GLU C 7 5.94 29.15 -7.34
CA GLU C 7 7.07 28.76 -8.18
C GLU C 7 7.19 27.24 -8.23
N GLN C 8 6.83 26.58 -7.14
CA GLN C 8 6.64 25.13 -7.10
C GLN C 8 5.33 24.86 -6.35
N ALA C 9 4.41 24.15 -7.01
CA ALA C 9 3.07 23.96 -6.44
C ALA C 9 3.07 23.11 -5.18
N SER C 10 4.11 22.30 -4.96
CA SER C 10 4.19 21.35 -3.85
C SER C 10 3.75 21.97 -2.54
N LEU C 11 4.22 23.19 -2.27
CA LEU C 11 3.91 23.84 -1.00
C LEU C 11 2.41 23.83 -0.74
N LEU C 12 1.64 24.39 -1.67
CA LEU C 12 0.20 24.45 -1.44
C LEU C 12 -0.38 23.05 -1.30
N LYS C 13 0.11 22.12 -2.13
CA LYS C 13 -0.34 20.74 -2.04
C LYS C 13 -0.15 20.21 -0.62
N ARG C 14 1.03 20.42 -0.04
CA ARG C 14 1.25 19.93 1.31
C ARG C 14 0.43 20.71 2.31
N VAL C 15 0.30 22.03 2.09
CA VAL C 15 -0.41 22.86 3.05
C VAL C 15 -1.86 22.41 3.16
N VAL C 16 -2.50 22.16 2.03
CA VAL C 16 -3.89 21.71 2.07
C VAL C 16 -3.97 20.30 2.65
N ASP C 17 -2.95 19.48 2.43
CA ASP C 17 -2.97 18.13 3.00
C ASP C 17 -2.78 18.13 4.50
N ALA C 18 -2.15 19.17 5.05
CA ALA C 18 -1.97 19.29 6.49
C ALA C 18 -3.21 19.83 7.20
N ILE C 19 -4.23 20.25 6.45
CA ILE C 19 -5.37 20.96 7.03
C ILE C 19 -6.67 20.18 6.84
N LYS C 20 -6.77 19.45 5.73
CA LYS C 20 -8.06 18.93 5.28
C LYS C 20 -8.70 17.98 6.30
N ASP C 21 -7.91 17.11 6.91
CA ASP C 21 -8.50 16.14 7.84
C ASP C 21 -8.93 16.76 9.17
N LEU C 22 -8.51 17.98 9.46
CA LEU C 22 -8.91 18.68 10.68
C LEU C 22 -10.12 19.57 10.45
N VAL C 23 -10.14 20.33 9.36
CA VAL C 23 -11.17 21.30 9.06
C VAL C 23 -11.63 21.08 7.62
N GLN C 24 -12.94 21.17 7.38
CA GLN C 24 -13.45 20.87 6.05
C GLN C 24 -13.51 22.12 5.17
N ASP C 25 -14.32 23.10 5.56
CA ASP C 25 -14.54 24.31 4.76
C ASP C 25 -13.87 25.49 5.45
N CYS C 26 -13.11 26.28 4.68
CA CYS C 26 -12.36 27.38 5.28
C CYS C 26 -12.36 28.61 4.39
N ASN C 27 -12.17 29.74 5.04
CA ASN C 27 -11.98 31.01 4.35
C ASN C 27 -10.48 31.27 4.22
N PHE C 28 -10.04 31.52 3.01
CA PHE C 28 -8.69 32.01 2.75
C PHE C 28 -8.81 33.53 2.62
N ASP C 29 -8.35 34.25 3.64
CA ASP C 29 -8.41 35.70 3.67
C ASP C 29 -7.16 36.26 2.98
N CYS C 30 -7.36 36.89 1.83
CA CYS C 30 -6.27 37.42 1.02
C CYS C 30 -6.26 38.93 1.14
N ASN C 31 -5.10 39.47 1.48
CA ASN C 31 -4.88 40.91 1.57
C ASN C 31 -3.41 41.19 1.22
N ASP C 32 -2.97 42.40 1.52
CA ASP C 32 -1.63 42.84 1.14
C ASP C 32 -0.57 41.99 1.84
N SER C 33 -0.95 41.34 2.96
CA SER C 33 -0.05 40.48 3.71
C SER C 33 0.25 39.19 2.97
N GLY C 34 -0.71 38.71 2.19
CA GLY C 34 -0.65 37.40 1.60
C GLY C 34 -1.98 36.73 1.90
N ILE C 35 -1.91 35.41 2.09
CA ILE C 35 -3.08 34.57 2.29
C ILE C 35 -3.04 34.00 3.71
N ALA C 36 -4.06 34.32 4.50
CA ALA C 36 -4.18 33.83 5.86
C ALA C 36 -5.37 32.91 5.99
N LEU C 37 -5.35 32.08 7.03
CA LEU C 37 -6.44 31.16 7.30
C LEU C 37 -6.56 30.99 8.80
N GLN C 38 -7.78 31.06 9.31
CA GLN C 38 -8.06 30.77 10.71
C GLN C 38 -9.32 29.91 10.76
N ALA C 39 -9.21 28.72 11.32
CA ALA C 39 -10.35 27.82 11.32
C ALA C 39 -10.32 26.92 12.55
N MET C 40 -11.47 26.74 13.16
CA MET C 40 -11.60 25.77 14.23
C MET C 40 -12.17 24.49 13.64
N ASP C 41 -11.84 23.35 14.23
CA ASP C 41 -12.55 22.18 13.74
C ASP C 41 -13.96 22.15 14.32
N ASN C 42 -14.73 21.17 13.85
CA ASN C 42 -16.12 21.03 14.23
C ASN C 42 -16.26 20.71 15.73
N SER C 43 -15.16 20.22 16.35
CA SER C 43 -15.06 20.04 17.79
C SER C 43 -15.22 21.33 18.53
N HIS C 44 -14.64 22.39 17.98
CA HIS C 44 -14.13 23.52 18.75
C HIS C 44 -13.13 23.04 19.81
N VAL C 45 -12.20 22.16 19.39
CA VAL C 45 -11.10 21.75 20.26
C VAL C 45 -9.74 22.29 19.81
N ALA C 46 -9.54 22.51 18.51
CA ALA C 46 -8.27 22.98 17.99
C ALA C 46 -8.51 24.15 17.04
N LEU C 47 -7.44 24.90 16.78
CA LEU C 47 -7.51 26.07 15.92
C LEU C 47 -6.31 26.10 14.98
N VAL C 48 -6.58 26.25 13.68
CA VAL C 48 -5.56 26.37 12.65
C VAL C 48 -5.36 27.85 12.34
N SER C 49 -4.10 28.27 12.34
CA SER C 49 -3.71 29.64 12.00
C SER C 49 -2.57 29.56 10.99
N MET C 50 -2.86 29.88 9.74
CA MET C 50 -1.89 29.80 8.66
C MET C 50 -1.64 31.18 8.09
N LEU C 51 -0.38 31.49 7.80
CA LEU C 51 -0.01 32.71 7.10
C LEU C 51 0.96 32.34 5.98
N LEU C 52 0.58 32.66 4.74
CA LEU C 52 1.45 32.55 3.57
C LEU C 52 1.75 33.99 3.15
N LYS C 53 2.94 34.46 3.50
CA LYS C 53 3.32 35.84 3.28
C LYS C 53 3.53 36.12 1.79
N ALA C 54 3.28 37.38 1.41
CA ALA C 54 3.43 37.80 0.02
C ALA C 54 4.79 37.43 -0.57
N GLU C 55 5.84 37.41 0.27
CA GLU C 55 7.18 37.04 -0.19
C GLU C 55 7.21 35.73 -0.98
N GLY C 56 6.36 34.75 -0.62
CA GLY C 56 6.48 33.40 -1.15
C GLY C 56 5.98 33.19 -2.57
N PHE C 57 5.12 34.07 -3.08
CA PHE C 57 4.56 33.96 -4.42
C PHE C 57 5.41 34.73 -5.43
N SER C 58 5.40 34.28 -6.71
CA SER C 58 6.28 34.88 -7.69
C SER C 58 5.84 36.33 -7.87
N PRO C 59 4.67 36.63 -8.50
CA PRO C 59 3.99 37.89 -8.21
C PRO C 59 2.87 37.57 -7.25
N TYR C 60 2.78 38.29 -6.15
CA TYR C 60 1.58 38.29 -5.37
C TYR C 60 0.95 39.64 -5.57
N ARG C 61 -0.34 39.65 -5.94
CA ARG C 61 -1.04 40.88 -6.26
C ARG C 61 -2.47 40.75 -5.74
N CYS C 62 -2.81 41.56 -4.74
CA CYS C 62 -4.15 41.56 -4.15
C CYS C 62 -4.66 43.00 -4.15
N ASP C 63 -5.58 43.31 -5.08
CA ASP C 63 -6.06 44.68 -5.22
C ASP C 63 -7.01 45.06 -4.10
N ARG C 64 -7.86 44.12 -3.68
CA ARG C 64 -8.79 44.36 -2.58
C ARG C 64 -8.80 43.14 -1.68
N ASN C 65 -9.12 43.37 -0.41
CA ASN C 65 -9.25 42.27 0.55
C ASN C 65 -10.39 41.35 0.14
N ILE C 66 -10.14 40.04 0.16
CA ILE C 66 -11.13 39.08 -0.31
C ILE C 66 -11.08 37.83 0.55
N ALA C 67 -12.25 37.22 0.78
CA ALA C 67 -12.35 35.96 1.50
C ALA C 67 -12.81 34.88 0.53
N LEU C 68 -11.94 33.90 0.29
CA LEU C 68 -12.24 32.79 -0.61
C LEU C 68 -12.73 31.61 0.22
N GLY C 69 -14.03 31.35 0.17
CA GLY C 69 -14.59 30.21 0.88
C GLY C 69 -14.47 28.92 0.09
N ILE C 70 -13.62 28.01 0.56
CA ILE C 70 -13.26 26.81 -0.21
C ILE C 70 -13.50 25.57 0.63
N ASN C 71 -14.07 24.55 -0.03
CA ASN C 71 -14.15 23.20 0.51
C ASN C 71 -12.80 22.51 0.29
N LEU C 72 -12.17 22.07 1.39
CA LEU C 72 -10.81 21.55 1.29
C LEU C 72 -10.73 20.19 0.60
N VAL C 73 -11.82 19.42 0.59
CA VAL C 73 -11.81 18.17 -0.17
C VAL C 73 -11.81 18.44 -1.67
N SER C 74 -12.63 19.40 -2.11
CA SER C 74 -12.61 19.82 -3.50
C SER C 74 -11.26 20.39 -3.88
N LEU C 75 -10.68 21.23 -3.00
CA LEU C 75 -9.38 21.80 -3.27
C LEU C 75 -8.30 20.72 -3.34
N THR C 76 -8.42 19.69 -2.51
CA THR C 76 -7.48 18.57 -2.57
C THR C 76 -7.63 17.80 -3.88
N LYS C 77 -8.87 17.60 -4.32
CA LYS C 77 -9.08 16.92 -5.60
C LYS C 77 -8.50 17.70 -6.76
N VAL C 78 -8.60 19.04 -6.70
CA VAL C 78 -8.03 19.85 -7.77
C VAL C 78 -6.50 19.85 -7.68
N LEU C 79 -5.95 19.91 -6.46
CA LEU C 79 -4.51 19.99 -6.30
C LEU C 79 -3.82 18.67 -6.61
N ARG C 80 -4.53 17.55 -6.47
CA ARG C 80 -3.96 16.25 -6.84
C ARG C 80 -3.67 16.18 -8.34
N ALA C 81 -4.33 17.01 -9.14
CA ALA C 81 -4.10 17.05 -10.58
C ALA C 81 -2.88 17.89 -10.95
N ALA C 82 -2.18 18.45 -9.98
CA ALA C 82 -0.96 19.19 -10.21
C ALA C 82 0.24 18.35 -9.77
N GLN C 83 1.34 18.50 -10.48
CA GLN C 83 2.59 17.87 -10.08
C GLN C 83 3.31 18.77 -9.08
N ASN C 84 4.14 18.13 -8.24
CA ASN C 84 4.91 18.87 -7.25
C ASN C 84 5.73 19.99 -7.89
N GLU C 85 6.29 19.73 -9.07
CA GLU C 85 7.14 20.69 -9.76
C GLU C 85 6.41 21.49 -10.83
N ASP C 86 5.09 21.49 -10.83
CA ASP C 86 4.36 22.34 -11.75
C ASP C 86 4.38 23.78 -11.27
N ILE C 87 4.04 24.69 -12.17
CA ILE C 87 3.89 26.10 -11.81
C ILE C 87 2.42 26.34 -11.51
N LEU C 88 2.13 26.87 -10.32
CA LEU C 88 0.76 27.01 -9.87
C LEU C 88 0.39 28.49 -9.89
N THR C 89 -0.77 28.81 -10.48
CA THR C 89 -1.27 30.17 -10.48
C THR C 89 -2.69 30.18 -9.95
N LEU C 90 -2.92 30.91 -8.85
CA LEU C 90 -4.23 31.09 -8.26
C LEU C 90 -4.71 32.50 -8.61
N LYS C 91 -5.96 32.60 -9.04
CA LYS C 91 -6.53 33.87 -9.44
C LYS C 91 -7.96 33.96 -8.95
N ALA C 92 -8.40 35.19 -8.72
CA ALA C 92 -9.79 35.46 -8.36
C ALA C 92 -10.11 36.90 -8.75
N ASP C 93 -11.33 37.11 -9.23
CA ASP C 93 -11.82 38.43 -9.61
C ASP C 93 -12.40 39.15 -8.39
N ASP C 94 -12.86 40.37 -8.61
CA ASP C 94 -13.62 41.08 -7.58
C ASP C 94 -15.02 40.48 -7.57
N SER C 95 -15.52 40.16 -6.38
CA SER C 95 -16.83 39.52 -6.23
C SER C 95 -16.81 38.21 -6.99
N PRO C 96 -16.05 37.22 -6.54
CA PRO C 96 -15.83 36.00 -7.33
C PRO C 96 -16.89 34.95 -7.04
N ASP C 97 -17.28 34.23 -8.10
CA ASP C 97 -18.07 33.03 -7.92
C ASP C 97 -17.23 31.77 -7.88
N ALA C 98 -15.94 31.87 -8.19
CA ALA C 98 -15.06 30.73 -8.20
C ALA C 98 -13.62 31.22 -8.04
N VAL C 99 -12.73 30.27 -7.76
CA VAL C 99 -11.30 30.52 -7.71
C VAL C 99 -10.65 29.68 -8.81
N ASN C 100 -9.71 30.28 -9.53
CA ASN C 100 -9.12 29.65 -10.70
C ASN C 100 -7.70 29.19 -10.37
N LEU C 101 -7.40 27.93 -10.66
CA LEU C 101 -6.09 27.34 -10.45
C LEU C 101 -5.55 26.87 -11.79
N MET C 102 -4.30 27.23 -12.09
CA MET C 102 -3.67 26.85 -13.35
C MET C 102 -2.35 26.17 -13.04
N PHE C 103 -2.16 24.99 -13.58
CA PHE C 103 -0.95 24.20 -13.41
C PHE C 103 -0.24 24.11 -14.75
N GLU C 104 1.00 24.60 -14.79
CA GLU C 104 1.79 24.64 -16.00
C GLU C 104 2.93 23.63 -15.90
N SER C 105 3.03 22.78 -16.92
CA SER C 105 4.07 21.77 -16.97
C SER C 105 5.44 22.40 -17.22
N ALA C 106 6.44 21.91 -16.50
CA ALA C 106 7.81 22.37 -16.70
C ALA C 106 8.34 21.94 -18.06
N GLU C 107 8.36 20.62 -18.30
CA GLU C 107 8.86 20.08 -19.56
C GLU C 107 7.91 20.27 -20.74
N THR C 108 6.79 19.53 -20.74
CA THR C 108 5.84 19.53 -21.84
C THR C 108 5.12 20.87 -21.94
N ASP C 109 4.45 21.08 -23.07
CA ASP C 109 3.58 22.23 -23.22
C ASP C 109 2.16 21.90 -22.74
N ARG C 110 2.04 21.42 -21.51
CA ARG C 110 0.77 20.99 -20.94
C ARG C 110 0.26 22.03 -19.95
N ILE C 111 -1.03 22.37 -20.05
CA ILE C 111 -1.66 23.37 -19.20
C ILE C 111 -2.97 22.81 -18.65
N SER C 112 -3.12 22.83 -17.32
CA SER C 112 -4.34 22.44 -16.64
C SER C 112 -4.98 23.66 -15.98
N GLU C 113 -6.30 23.72 -16.01
CA GLU C 113 -7.02 24.83 -15.42
C GLU C 113 -8.24 24.26 -14.72
N TYR C 114 -8.49 24.72 -13.49
CA TYR C 114 -9.64 24.28 -12.72
C TYR C 114 -10.31 25.50 -12.12
N ASP C 115 -11.63 25.46 -12.04
CA ASP C 115 -12.42 26.52 -11.41
C ASP C 115 -13.23 25.90 -10.29
N ILE C 116 -12.95 26.30 -9.06
CA ILE C 116 -13.65 25.76 -7.90
C ILE C 116 -14.68 26.78 -7.45
N LYS C 117 -15.94 26.36 -7.40
CA LYS C 117 -17.01 27.22 -6.92
C LYS C 117 -16.78 27.56 -5.46
N LEU C 118 -16.93 28.84 -5.12
CA LEU C 118 -16.64 29.27 -3.77
C LEU C 118 -17.83 29.04 -2.85
N MET C 119 -17.57 29.13 -1.55
CA MET C 119 -18.58 28.92 -0.52
C MET C 119 -18.74 30.17 0.33
N ASP C 120 -19.91 30.28 0.95
CA ASP C 120 -20.20 31.31 1.94
C ASP C 120 -19.99 30.67 3.31
N ILE C 121 -18.96 31.12 4.04
CA ILE C 121 -18.63 30.52 5.33
C ILE C 121 -18.69 31.59 6.41
N ASP C 122 -19.56 31.37 7.40
CA ASP C 122 -19.58 32.16 8.62
C ASP C 122 -18.69 31.45 9.65
N GLN C 123 -17.59 32.09 10.03
CA GLN C 123 -16.56 31.41 10.80
C GLN C 123 -16.31 31.90 12.22
N GLU C 124 -16.84 33.06 12.62
CA GLU C 124 -16.56 33.60 13.96
C GLU C 124 -15.06 33.73 14.17
N HIS C 125 -14.51 34.91 13.90
CA HIS C 125 -13.07 35.11 13.99
C HIS C 125 -12.63 35.26 15.45
N LEU C 126 -11.48 34.68 15.78
CA LEU C 126 -10.94 34.69 17.12
C LEU C 126 -9.66 35.53 17.19
N ALA C 127 -9.44 36.14 18.35
CA ALA C 127 -8.28 37.00 18.61
C ALA C 127 -7.18 36.21 19.30
N ILE C 128 -6.02 36.07 18.65
CA ILE C 128 -4.89 35.37 19.19
C ILE C 128 -3.97 36.41 19.88
N PRO C 129 -3.76 36.31 21.19
CA PRO C 129 -3.15 37.43 21.93
C PRO C 129 -1.63 37.54 21.96
N GLU C 130 -0.90 36.86 21.06
CA GLU C 130 0.56 36.92 21.02
C GLU C 130 1.15 36.54 22.37
N THR C 131 1.36 35.25 22.58
CA THR C 131 1.66 34.67 23.89
C THR C 131 3.16 34.43 24.11
N GLU C 132 3.58 34.57 25.37
CA GLU C 132 4.91 34.15 25.82
C GLU C 132 4.79 32.82 26.58
N TYR C 133 5.38 31.77 26.01
CA TYR C 133 5.26 30.43 26.54
C TYR C 133 6.35 30.13 27.56
N ALA C 134 5.99 29.34 28.59
CA ALA C 134 6.97 28.96 29.60
C ALA C 134 8.03 28.01 29.02
N ALA C 135 7.64 27.12 28.11
CA ALA C 135 8.56 26.18 27.50
C ALA C 135 8.39 26.19 25.99
N THR C 136 9.52 26.19 25.27
CA THR C 136 9.54 26.14 23.82
C THR C 136 10.53 25.09 23.37
N VAL C 137 10.05 24.10 22.62
CA VAL C 137 10.82 22.93 22.22
C VAL C 137 10.92 22.92 20.70
N GLU C 138 12.15 22.88 20.19
CA GLU C 138 12.41 22.72 18.77
C GLU C 138 12.92 21.31 18.52
N MET C 139 12.24 20.55 17.67
CA MET C 139 12.63 19.16 17.49
C MET C 139 12.37 18.75 16.05
N PRO C 140 12.94 17.63 15.61
CA PRO C 140 12.61 17.13 14.26
C PRO C 140 11.13 16.80 14.15
N SER C 141 10.51 17.27 13.06
CA SER C 141 9.08 17.05 12.87
C SER C 141 8.76 15.56 12.71
N ALA C 142 9.63 14.82 12.03
CA ALA C 142 9.39 13.40 11.84
C ALA C 142 9.45 12.63 13.14
N GLU C 143 10.34 13.02 14.06
CA GLU C 143 10.43 12.36 15.35
C GLU C 143 9.18 12.62 16.18
N PHE C 144 8.68 13.86 16.16
CA PHE C 144 7.43 14.18 16.87
C PHE C 144 6.26 13.40 16.27
N GLN C 145 6.21 13.28 14.95
CA GLN C 145 5.16 12.49 14.32
C GLN C 145 5.23 11.03 14.72
N ARG C 146 6.45 10.46 14.75
CA ARG C 146 6.60 9.07 15.17
C ARG C 146 6.16 8.89 16.62
N ILE C 147 6.54 9.81 17.50
CA ILE C 147 6.14 9.73 18.90
C ILE C 147 4.63 9.74 19.03
N CYS C 148 3.99 10.66 18.30
CA CYS C 148 2.53 10.79 18.39
C CYS C 148 1.83 9.53 17.91
N ARG C 149 2.28 8.97 16.77
CA ARG C 149 1.65 7.75 16.28
C ARG C 149 1.88 6.59 17.24
N ASP C 150 3.12 6.44 17.73
CA ASP C 150 3.45 5.34 18.63
C ASP C 150 2.57 5.38 19.88
N LEU C 151 2.47 6.56 20.51
CA LEU C 151 1.67 6.66 21.73
C LEU C 151 0.18 6.61 21.44
N ASN C 152 -0.25 7.04 20.24
CA ASN C 152 -1.67 6.96 19.90
C ASN C 152 -2.11 5.52 19.70
N ALA C 153 -1.19 4.63 19.33
CA ALA C 153 -1.56 3.22 19.26
C ALA C 153 -1.89 2.65 20.64
N LEU C 154 -1.44 3.28 21.72
CA LEU C 154 -1.66 2.76 23.06
C LEU C 154 -2.71 3.51 23.87
N SER C 155 -2.97 4.79 23.57
CA SER C 155 -3.80 5.60 24.44
C SER C 155 -4.46 6.72 23.63
N GLU C 156 -5.35 7.45 24.32
CA GLU C 156 -6.02 8.60 23.74
C GLU C 156 -5.41 9.92 24.19
N SER C 157 -4.62 9.93 25.26
CA SER C 157 -4.09 11.16 25.83
C SER C 157 -2.59 11.00 26.06
N VAL C 158 -1.86 12.10 25.87
CA VAL C 158 -0.43 12.14 26.10
C VAL C 158 -0.10 13.27 27.06
N VAL C 159 0.78 13.00 28.01
CA VAL C 159 1.31 14.01 28.92
C VAL C 159 2.67 14.44 28.38
N ILE C 160 2.80 15.73 28.10
CA ILE C 160 4.05 16.33 27.68
C ILE C 160 4.62 17.08 28.88
N GLU C 161 5.82 16.66 29.31
CA GLU C 161 6.50 17.24 30.46
C GLU C 161 7.81 17.83 29.96
N ALA C 162 7.92 19.15 30.00
CA ALA C 162 9.10 19.90 29.57
C ALA C 162 9.86 20.41 30.78
N THR C 163 11.15 20.07 30.84
CA THR C 163 12.09 20.49 31.86
C THR C 163 13.37 20.94 31.16
N LYS C 164 14.35 21.37 31.96
CA LYS C 164 15.61 21.81 31.37
C LYS C 164 16.36 20.66 30.72
N GLU C 165 16.25 19.45 31.29
CA GLU C 165 16.95 18.29 30.75
C GLU C 165 16.41 17.90 29.39
N GLY C 166 15.09 17.77 29.27
CA GLY C 166 14.51 17.37 28.00
C GLY C 166 13.00 17.35 28.06
N VAL C 167 12.40 16.63 27.11
CA VAL C 167 10.95 16.52 27.03
C VAL C 167 10.53 15.07 27.13
N LYS C 168 9.49 14.80 27.90
CA LYS C 168 8.99 13.45 28.11
C LYS C 168 7.54 13.39 27.66
N PHE C 169 7.24 12.52 26.69
CA PHE C 169 5.88 12.25 26.26
C PHE C 169 5.46 10.90 26.84
N SER C 170 4.42 10.89 27.67
CA SER C 170 4.03 9.68 28.38
C SER C 170 2.54 9.43 28.17
N CYS C 171 2.15 8.16 28.31
CA CYS C 171 0.75 7.79 28.17
C CYS C 171 0.48 6.53 28.96
N GLN C 172 -0.81 6.31 29.23
CA GLN C 172 -1.30 5.18 30.00
C GLN C 172 -2.50 4.60 29.27
N GLY C 173 -2.57 3.27 29.24
CA GLY C 173 -3.66 2.63 28.54
C GLY C 173 -3.95 1.23 29.05
N ASP C 174 -4.84 0.54 28.34
CA ASP C 174 -5.17 -0.83 28.69
C ASP C 174 -3.95 -1.75 28.55
N ILE C 175 -3.11 -1.50 27.54
CA ILE C 175 -1.90 -2.29 27.36
C ILE C 175 -0.96 -2.08 28.53
N GLY C 176 -0.86 -0.85 29.02
CA GLY C 176 0.07 -0.50 30.06
C GLY C 176 0.42 0.97 29.98
N SER C 177 1.71 1.27 30.05
CA SER C 177 2.19 2.64 30.00
C SER C 177 3.32 2.75 29.00
N GLY C 178 3.58 3.97 28.56
CA GLY C 178 4.63 4.21 27.59
C GLY C 178 5.19 5.61 27.75
N SER C 179 6.44 5.79 27.34
CA SER C 179 7.06 7.10 27.42
C SER C 179 8.21 7.18 26.42
N VAL C 180 8.37 8.36 25.84
CA VAL C 180 9.50 8.70 24.98
C VAL C 180 10.16 9.93 25.58
N THR C 181 11.44 9.80 25.92
CA THR C 181 12.18 10.91 26.50
C THR C 181 13.19 11.38 25.46
N ILE C 182 13.15 12.66 25.15
CA ILE C 182 14.05 13.25 24.19
C ILE C 182 14.91 14.24 24.95
N ARG C 183 16.16 14.37 24.51
CA ARG C 183 17.07 15.25 25.20
C ARG C 183 17.62 16.33 24.29
N GLN C 184 17.92 17.44 24.95
CA GLN C 184 18.62 18.60 24.38
C GLN C 184 19.87 18.14 23.63
N HIS C 185 19.89 18.39 22.30
CA HIS C 185 20.84 17.81 21.35
C HIS C 185 21.33 18.83 20.32
N THR C 186 22.66 18.94 20.15
CA THR C 186 23.28 19.76 19.13
C THR C 186 24.17 18.92 18.22
N SER C 187 24.12 19.20 16.91
CA SER C 187 25.00 18.55 15.94
C SER C 187 25.44 19.59 14.91
N VAL C 188 26.61 19.35 14.31
CA VAL C 188 27.28 20.37 13.49
C VAL C 188 26.94 20.23 12.02
N ASP C 189 27.38 19.14 11.40
CA ASP C 189 27.08 18.87 9.99
C ASP C 189 25.65 18.39 9.80
N LYS C 190 25.19 17.46 10.64
CA LYS C 190 23.79 17.06 10.59
C LYS C 190 22.90 17.72 11.64
N PRO C 191 22.34 18.90 11.39
CA PRO C 191 21.47 19.55 12.38
C PRO C 191 19.99 19.20 12.24
N GLU C 192 19.64 18.21 11.41
CA GLU C 192 18.24 17.85 11.27
C GLU C 192 17.69 17.11 12.47
N GLN C 193 18.55 16.62 13.35
CA GLN C 193 18.18 15.89 14.55
C GLN C 193 18.44 16.64 15.83
N ASN C 194 18.50 17.99 15.75
CA ASN C 194 18.73 18.86 16.89
C ASN C 194 17.46 18.99 17.73
N VAL C 195 17.63 19.11 19.05
CA VAL C 195 16.53 19.35 19.97
C VAL C 195 16.92 20.51 20.90
N SER C 196 16.11 21.56 20.91
CA SER C 196 16.35 22.74 21.75
C SER C 196 15.21 22.93 22.73
N ILE C 197 15.55 23.24 23.98
CA ILE C 197 14.57 23.51 25.02
C ILE C 197 14.88 24.89 25.58
N ALA C 198 14.02 25.86 25.30
CA ALA C 198 14.11 27.18 25.89
C ALA C 198 13.04 27.20 26.98
N LEU C 199 13.48 27.17 28.24
CA LEU C 199 12.59 26.97 29.37
C LEU C 199 12.89 27.98 30.46
N SER C 200 11.83 28.55 31.02
CA SER C 200 11.93 29.41 32.20
C SER C 200 11.26 28.80 33.42
N GLU C 201 10.45 27.75 33.23
CA GLU C 201 9.69 27.10 34.28
C GLU C 201 9.15 25.78 33.73
N PRO C 202 9.29 24.67 34.46
CA PRO C 202 8.84 23.39 33.93
C PRO C 202 7.33 23.37 33.68
N VAL C 203 6.93 22.66 32.63
CA VAL C 203 5.53 22.58 32.23
C VAL C 203 5.14 21.12 32.08
N ALA C 204 3.88 20.81 32.35
CA ALA C 204 3.37 19.45 32.19
C ALA C 204 1.89 19.55 31.86
N LEU C 205 1.52 19.14 30.63
CA LEU C 205 0.13 19.23 30.21
C LEU C 205 -0.29 17.99 29.46
N THR C 206 -1.60 17.74 29.42
CA THR C 206 -2.17 16.56 28.78
C THR C 206 -2.98 16.96 27.56
N PHE C 207 -2.84 16.20 26.47
CA PHE C 207 -3.45 16.55 25.20
C PHE C 207 -4.00 15.32 24.51
N SER C 208 -4.91 15.57 23.55
CA SER C 208 -5.53 14.52 22.76
C SER C 208 -4.58 14.06 21.67
N LEU C 209 -4.31 12.75 21.65
CA LEU C 209 -3.37 12.22 20.67
C LEU C 209 -3.96 12.21 19.26
N LYS C 210 -5.28 12.08 19.12
CA LYS C 210 -5.90 12.17 17.81
C LYS C 210 -5.60 13.51 17.15
N TYR C 211 -5.78 14.60 17.90
CA TYR C 211 -5.54 15.93 17.35
C TYR C 211 -4.06 16.14 17.04
N LEU C 212 -3.17 15.62 17.88
CA LEU C 212 -1.74 15.76 17.60
C LEU C 212 -1.34 14.97 16.36
N VAL C 213 -1.92 13.79 16.17
CA VAL C 213 -1.65 13.01 14.96
C VAL C 213 -2.15 13.76 13.73
N ASN C 214 -3.31 14.42 13.84
CA ASN C 214 -3.77 15.24 12.74
C ASN C 214 -2.85 16.42 12.49
N PHE C 215 -2.33 17.03 13.56
CA PHE C 215 -1.38 18.14 13.40
C PHE C 215 -0.13 17.68 12.67
N CYS C 216 0.32 16.45 12.96
CA CYS C 216 1.56 15.94 12.39
C CYS C 216 1.45 15.63 10.90
N LYS C 217 0.28 15.84 10.28
CA LYS C 217 0.19 15.74 8.83
C LYS C 217 0.85 16.93 8.12
N ALA C 218 1.34 17.90 8.88
CA ALA C 218 2.15 19.00 8.37
C ALA C 218 3.64 18.68 8.35
N THR C 219 4.02 17.45 8.71
CA THR C 219 5.43 17.07 8.79
C THR C 219 6.17 17.33 7.48
N SER C 220 5.49 17.18 6.34
CA SER C 220 6.15 17.39 5.05
C SER C 220 6.51 18.85 4.80
N LEU C 221 5.99 19.79 5.58
CA LEU C 221 6.23 21.20 5.32
C LEU C 221 7.57 21.69 5.86
N SER C 222 8.12 21.03 6.89
CA SER C 222 9.37 21.48 7.48
C SER C 222 9.99 20.33 8.25
N SER C 223 11.33 20.35 8.31
CA SER C 223 12.07 19.36 9.08
C SER C 223 12.11 19.67 10.57
N LYS C 224 11.65 20.85 10.97
CA LYS C 224 11.58 21.23 12.38
C LYS C 224 10.13 21.50 12.75
N VAL C 225 9.79 21.19 14.01
CA VAL C 225 8.50 21.51 14.58
C VAL C 225 8.78 22.17 15.91
N THR C 226 7.93 23.13 16.29
CA THR C 226 8.07 23.86 17.54
C THR C 226 6.85 23.62 18.40
N LEU C 227 7.07 23.17 19.64
CA LEU C 227 6.03 22.99 20.63
C LEU C 227 6.15 24.08 21.69
N CYS C 228 5.05 24.76 21.94
CA CYS C 228 5.02 25.88 22.88
C CYS C 228 3.99 25.59 23.95
N LEU C 229 4.43 25.57 25.21
CA LEU C 229 3.59 25.15 26.33
C LEU C 229 3.69 26.16 27.46
N SER C 230 2.57 26.38 28.15
CA SER C 230 2.48 27.12 29.39
C SER C 230 1.13 26.85 30.00
N GLN C 231 1.06 26.90 31.33
CA GLN C 231 -0.22 26.74 32.00
C GLN C 231 -1.16 27.86 31.57
N GLU C 232 -2.46 27.57 31.60
CA GLU C 232 -3.53 28.50 31.25
C GLU C 232 -3.57 28.95 29.78
N VAL C 233 -2.69 28.43 28.93
CA VAL C 233 -2.80 28.72 27.51
C VAL C 233 -2.82 27.39 26.76
N PRO C 234 -3.37 27.38 25.54
CA PRO C 234 -3.35 26.16 24.73
C PRO C 234 -1.94 25.86 24.22
N LEU C 235 -1.73 24.59 23.91
CA LEU C 235 -0.48 24.18 23.26
C LEU C 235 -0.42 24.74 21.85
N LEU C 236 0.77 25.20 21.47
CA LEU C 236 1.03 25.68 20.12
C LEU C 236 1.98 24.72 19.42
N VAL C 237 1.56 24.18 18.28
CA VAL C 237 2.42 23.34 17.44
C VAL C 237 2.62 24.11 16.15
N GLU C 238 3.86 24.51 15.88
CA GLU C 238 4.17 25.45 14.81
C GLU C 238 5.12 24.79 13.81
N TYR C 239 4.79 24.92 12.53
CA TYR C 239 5.64 24.48 11.43
C TYR C 239 5.98 25.69 10.58
N GLY C 240 7.26 25.95 10.41
CA GLY C 240 7.68 27.08 9.59
C GLY C 240 7.60 26.73 8.11
N LEU C 241 7.07 27.67 7.33
CA LEU C 241 6.91 27.45 5.90
C LEU C 241 7.90 28.21 5.04
N GLY C 242 8.73 29.07 5.63
CA GLY C 242 9.57 29.91 4.80
C GLY C 242 8.71 31.07 4.39
N SER C 243 8.81 32.20 5.08
CA SER C 243 7.97 33.38 4.80
C SER C 243 6.51 33.01 5.03
N GLY C 244 6.22 32.59 6.25
CA GLY C 244 4.91 32.14 6.65
C GLY C 244 5.01 31.03 7.67
N HIS C 245 3.86 30.59 8.13
CA HIS C 245 3.78 29.60 9.20
C HIS C 245 2.46 28.86 9.13
N LEU C 246 2.46 27.65 9.71
CA LEU C 246 1.24 26.90 9.95
C LEU C 246 1.21 26.52 11.42
N ARG C 247 0.19 26.97 12.14
CA ARG C 247 0.11 26.79 13.58
C ARG C 247 -1.17 26.06 13.97
N PHE C 248 -1.05 25.15 14.91
CA PHE C 248 -2.18 24.44 15.50
C PHE C 248 -2.21 24.76 16.99
N TYR C 249 -3.38 25.15 17.48
CA TYR C 249 -3.60 25.41 18.90
C TYR C 249 -4.52 24.34 19.45
N LEU C 250 -4.09 23.69 20.53
CA LEU C 250 -4.83 22.58 21.12
C LEU C 250 -5.05 22.85 22.61
N ALA C 251 -6.31 22.88 23.02
CA ALA C 251 -6.61 23.06 24.43
C ALA C 251 -6.27 21.79 25.21
N PRO C 252 -5.66 21.91 26.39
CA PRO C 252 -5.32 20.72 27.17
C PRO C 252 -6.55 20.03 27.74
N LYS C 253 -6.37 18.74 28.05
CA LYS C 253 -7.42 17.96 28.69
C LYS C 253 -7.48 18.32 30.17
N ILE C 254 -8.63 18.82 30.62
CA ILE C 254 -8.79 19.22 32.01
C ILE C 254 -9.75 18.26 32.73
N THR D 6 -24.83 6.24 -26.22
CA THR D 6 -25.23 5.07 -25.43
C THR D 6 -25.44 3.84 -26.31
N ASP D 7 -25.05 2.69 -25.76
CA ASP D 7 -25.17 1.39 -26.41
C ASP D 7 -24.28 1.24 -27.64
N ILE D 8 -23.09 0.68 -27.44
CA ILE D 8 -22.26 0.28 -28.57
C ILE D 8 -22.97 -0.91 -29.24
N ARG D 9 -23.43 -0.70 -30.48
CA ARG D 9 -24.13 -1.62 -31.38
C ARG D 9 -24.99 -0.76 -32.31
N ASN D 10 -24.98 0.55 -32.06
CA ASN D 10 -25.52 1.52 -32.99
C ASN D 10 -24.48 1.93 -34.02
N PHE D 11 -23.21 1.55 -33.81
CA PHE D 11 -22.11 1.86 -34.71
C PHE D 11 -21.49 0.64 -35.35
N PHE D 12 -21.66 -0.54 -34.78
CA PHE D 12 -21.03 -1.77 -35.27
C PHE D 12 -22.12 -2.79 -35.54
N HIS D 13 -22.26 -3.18 -36.81
CA HIS D 13 -23.32 -4.11 -37.18
C HIS D 13 -23.06 -5.49 -36.57
N SER D 14 -24.12 -6.14 -36.13
CA SER D 14 -24.03 -7.44 -35.48
C SER D 14 -23.64 -8.53 -36.49
N LYS E 1 -16.20 -30.56 24.41
CA LYS E 1 -16.01 -30.82 22.99
C LYS E 1 -14.91 -31.85 22.74
N ARG E 2 -15.24 -32.85 21.94
CA ARG E 2 -14.26 -33.84 21.49
C ARG E 2 -13.16 -33.19 20.66
N ARG E 3 -12.00 -33.82 20.70
CA ARG E 3 -10.95 -33.49 19.77
C ARG E 3 -11.29 -34.05 18.39
N MET E 4 -10.94 -33.31 17.37
CA MET E 4 -11.13 -33.80 16.01
C MET E 4 -9.85 -34.48 15.54
N PRO E 5 -9.94 -35.33 14.50
CA PRO E 5 -8.72 -36.05 14.06
C PRO E 5 -7.56 -35.14 13.71
N THR E 6 -7.83 -33.99 13.09
CA THR E 6 -6.78 -33.02 12.78
C THR E 6 -6.52 -32.20 14.04
N ASP E 7 -5.63 -32.73 14.87
CA ASP E 7 -5.29 -32.12 16.15
C ASP E 7 -3.90 -32.60 16.54
N ILE E 8 -2.92 -31.69 16.57
CA ILE E 8 -1.56 -32.02 16.97
C ILE E 8 -1.46 -32.68 18.34
N ARG E 9 -2.46 -32.54 19.20
CA ARG E 9 -2.40 -33.28 20.46
C ARG E 9 -2.59 -34.77 20.27
N ASN E 10 -3.05 -35.21 19.09
CA ASN E 10 -3.03 -36.61 18.73
C ASN E 10 -1.64 -37.10 18.34
N PHE E 11 -0.69 -36.19 18.14
CA PHE E 11 0.65 -36.53 17.68
C PHE E 11 1.74 -36.31 18.70
N PHE E 12 1.55 -35.40 19.65
CA PHE E 12 2.57 -35.06 20.63
C PHE E 12 2.04 -35.32 22.04
N HIS E 13 2.82 -36.05 22.83
CA HIS E 13 2.38 -36.45 24.16
C HIS E 13 2.40 -35.27 25.12
N SER E 14 1.55 -35.36 26.14
CA SER E 14 1.38 -34.35 27.20
C SER E 14 2.65 -33.60 27.57
N THR F 6 -12.67 22.33 27.54
CA THR F 6 -12.48 21.44 26.40
C THR F 6 -12.60 22.25 25.12
N ASP F 7 -13.43 23.30 25.19
CA ASP F 7 -13.65 24.20 24.06
C ASP F 7 -12.45 25.15 23.92
N ILE F 8 -11.91 25.25 22.70
CA ILE F 8 -10.81 26.16 22.44
C ILE F 8 -11.22 27.62 22.62
N ARG F 9 -12.51 27.93 22.45
CA ARG F 9 -12.96 29.31 22.60
C ARG F 9 -13.03 29.76 24.05
N ASN F 10 -12.61 28.93 25.01
CA ASN F 10 -12.44 29.37 26.38
C ASN F 10 -11.12 30.11 26.58
N PHE F 11 -10.23 30.07 25.59
CA PHE F 11 -8.93 30.72 25.65
C PHE F 11 -8.78 31.86 24.66
N PHE F 12 -9.61 31.92 23.63
CA PHE F 12 -9.51 32.90 22.56
C PHE F 12 -10.81 33.68 22.45
N HIS F 13 -10.74 34.98 22.73
CA HIS F 13 -11.93 35.83 22.67
C HIS F 13 -12.39 36.03 21.23
N SER F 14 -13.70 36.08 21.05
CA SER F 14 -14.27 36.23 19.72
C SER F 14 -13.99 37.61 19.14
N LYS F 15 -14.05 37.69 17.81
CA LYS F 15 -13.93 38.94 17.05
C LYS F 15 -12.75 39.79 17.49
#